data_9BAA
#
_entry.id   9BAA
#
_cell.length_a   1.00
_cell.length_b   1.00
_cell.length_c   1.00
_cell.angle_alpha   90.00
_cell.angle_beta   90.00
_cell.angle_gamma   90.00
#
_symmetry.space_group_name_H-M   'P 1'
#
_entity_poly.entity_id   1
_entity_poly.type   'polypeptide(L)'
_entity_poly.pdbx_seq_one_letter_code
;MGHHHHHHHHHHSSGHIDDDDKHMLRRLFKKKYVCVRQYDLTDCGAACLSSIAQYYGLKMSLAKIREMTGTDTQGTNAYG
LIHAAKQLGFSAKGVKASKEDLLKDFRLPAIANVIVDNRLAHFVVIYSIKNRIITVADPGKGIVRYSMDDFCSIWTGGLV
LLEPGEAFQKGDYTQNMMVKFAGFLKPLKKTVLCIFLASLLYTALGIAGSFYIKFLFDDLIKFEKLNDLHIISAGFAVIF
LLQIFLNYYRSILVTKLGMSIDKSIMMEYYSHVLKLPMNFFNSRKVGEIISRFMDASKIRQAISGATLTIMIDTIMAVIG
GILLYIQNSSLFFISFIIILLYGIIVTVFNKPIQNANRQIMEDNAKLTSALVESVKGIETIKSFGAEEQTEKSTRDKIET
VMKSSFKEGMLYINLSSLTGIVAGLGGIVILWAGAYNVIKGNMSGGQLLAFNALLAYFLTPVKNLIDLQPLIQTAVVASN
RLGEILELATEKELREDSDDFVISLKGDIEFRNVDFRYGLRKPVLKNINLTIPKGKTVAIVGESGSGKTTLAKLLMNFYS
PEKGDILINGHSIKNISLELIRKKIAFVSQDVFIFSGTVKENLCLGNENVDMDEIIKAAKMANAHDFIEKLPLKYDTFLN
ESGANLSEGQKQRLAIARALLKKPDILILDEATSNLDSITENHIKDAIYGLEDDVTVIIIAHRLSTIVNCDKIYLLKDGE
IVESGSHTELIALKGCYFKMWKQTENTLAS
;
_entity_poly.pdbx_strand_id   A,B
#
# COMPACT_ATOMS: atom_id res chain seq x y z
N GLN A 175 32.52 -8.38 -8.49
CA GLN A 175 31.16 -8.66 -8.96
C GLN A 175 30.59 -7.45 -9.70
N ASN A 176 29.51 -7.67 -10.44
CA ASN A 176 28.88 -6.58 -11.18
C ASN A 176 28.22 -5.58 -10.25
N MET A 177 27.94 -5.98 -9.01
CA MET A 177 27.31 -5.08 -8.05
C MET A 177 28.20 -3.87 -7.78
N MET A 178 29.47 -4.11 -7.46
CA MET A 178 30.39 -3.02 -7.18
C MET A 178 30.64 -2.17 -8.43
N VAL A 179 30.69 -2.82 -9.60
CA VAL A 179 30.87 -2.08 -10.84
C VAL A 179 29.73 -1.10 -11.06
N LYS A 180 28.49 -1.58 -10.87
CA LYS A 180 27.34 -0.71 -11.04
C LYS A 180 27.33 0.39 -9.99
N PHE A 181 27.68 0.07 -8.75
CA PHE A 181 27.72 1.08 -7.70
C PHE A 181 28.70 2.20 -8.07
N ALA A 182 29.91 1.82 -8.48
CA ALA A 182 30.92 2.79 -8.85
C ALA A 182 30.49 3.62 -10.06
N GLY A 183 29.88 2.96 -11.05
CA GLY A 183 29.44 3.69 -12.23
C GLY A 183 28.36 4.71 -11.91
N PHE A 184 27.40 4.34 -11.06
CA PHE A 184 26.29 5.23 -10.75
C PHE A 184 26.63 6.26 -9.69
N LEU A 185 27.73 6.10 -8.95
CA LEU A 185 28.08 7.05 -7.91
C LEU A 185 29.19 8.02 -8.32
N LYS A 186 29.93 7.72 -9.38
CA LYS A 186 31.05 8.58 -9.77
C LYS A 186 30.66 10.01 -10.14
N PRO A 187 29.66 10.24 -10.99
CA PRO A 187 29.40 11.62 -11.46
C PRO A 187 28.68 12.51 -10.45
N LEU A 188 28.51 12.07 -9.21
CA LEU A 188 27.83 12.86 -8.18
C LEU A 188 28.70 12.99 -6.94
N LYS A 189 30.02 13.17 -7.13
CA LYS A 189 30.93 13.24 -5.99
C LYS A 189 30.72 14.50 -5.17
N LYS A 190 30.37 15.63 -5.82
CA LYS A 190 30.20 16.87 -5.09
C LYS A 190 29.06 16.77 -4.08
N THR A 191 27.93 16.20 -4.49
CA THR A 191 26.80 16.06 -3.58
C THR A 191 27.13 15.13 -2.42
N VAL A 192 27.85 14.04 -2.71
CA VAL A 192 28.23 13.11 -1.64
C VAL A 192 29.13 13.81 -0.63
N LEU A 193 30.12 14.56 -1.10
CA LEU A 193 31.01 15.26 -0.18
C LEU A 193 30.26 16.33 0.61
N CYS A 194 29.33 17.03 -0.03
CA CYS A 194 28.55 18.04 0.69
C CYS A 194 27.71 17.41 1.78
N ILE A 195 27.08 16.27 1.48
CA ILE A 195 26.28 15.57 2.48
C ILE A 195 27.17 15.08 3.62
N PHE A 196 28.37 14.58 3.30
CA PHE A 196 29.27 14.10 4.33
C PHE A 196 29.70 15.23 5.26
N LEU A 197 30.04 16.39 4.69
CA LEU A 197 30.42 17.53 5.52
C LEU A 197 29.26 18.00 6.38
N ALA A 198 28.06 18.05 5.80
CA ALA A 198 26.89 18.45 6.58
C ALA A 198 26.64 17.49 7.72
N SER A 199 26.79 16.19 7.48
CA SER A 199 26.58 15.20 8.53
C SER A 199 27.62 15.34 9.65
N LEU A 200 28.89 15.56 9.30
CA LEU A 200 29.89 15.74 10.33
C LEU A 200 29.62 16.97 11.17
N LEU A 201 29.26 18.09 10.52
CA LEU A 201 28.95 19.30 11.28
C LEU A 201 27.73 19.10 12.16
N TYR A 202 26.71 18.39 11.65
CA TYR A 202 25.52 18.11 12.43
C TYR A 202 25.85 17.28 13.66
N THR A 203 26.70 16.26 13.51
CA THR A 203 27.07 15.42 14.64
C THR A 203 27.88 16.20 15.68
N ALA A 204 28.82 17.03 15.23
CA ALA A 204 29.59 17.83 16.16
C ALA A 204 28.69 18.77 16.95
N LEU A 205 27.75 19.42 16.26
CA LEU A 205 26.80 20.28 16.95
C LEU A 205 25.94 19.48 17.91
N GLY A 206 25.59 18.25 17.55
CA GLY A 206 24.80 17.41 18.45
C GLY A 206 25.53 17.07 19.73
N ILE A 207 26.81 16.71 19.62
CA ILE A 207 27.60 16.39 20.81
C ILE A 207 27.75 17.64 21.68
N ALA A 208 28.04 18.78 21.05
CA ALA A 208 28.14 20.02 21.82
C ALA A 208 26.84 20.31 22.55
N GLY A 209 25.69 20.14 21.88
CA GLY A 209 24.42 20.37 22.53
C GLY A 209 24.14 19.38 23.65
N SER A 210 24.60 18.14 23.49
CA SER A 210 24.42 17.14 24.54
C SER A 210 25.20 17.49 25.79
N PHE A 211 26.35 18.15 25.63
CA PHE A 211 27.05 18.62 26.85
C PHE A 211 26.28 19.70 27.62
N TYR A 212 25.05 20.10 27.26
CA TYR A 212 24.35 21.14 27.99
C TYR A 212 24.12 20.76 29.44
N ILE A 213 23.67 19.52 29.68
CA ILE A 213 23.18 19.16 31.00
C ILE A 213 24.31 19.09 32.01
N LYS A 214 25.53 18.74 31.57
CA LYS A 214 26.67 18.74 32.46
C LYS A 214 26.95 20.14 33.00
N PHE A 215 27.01 21.13 32.11
CA PHE A 215 27.16 22.50 32.56
C PHE A 215 26.01 22.91 33.45
N LEU A 216 24.80 22.49 33.11
CA LEU A 216 23.63 22.93 33.86
C LEU A 216 23.67 22.41 35.30
N PHE A 217 24.06 21.14 35.48
CA PHE A 217 24.08 20.52 36.79
C PHE A 217 25.44 20.56 37.48
N ASP A 218 26.44 21.21 36.90
CA ASP A 218 27.74 21.33 37.54
C ASP A 218 28.09 22.76 37.92
N ASP A 219 28.09 23.68 36.96
CA ASP A 219 28.54 25.04 37.20
C ASP A 219 27.41 26.05 37.33
N LEU A 220 26.16 25.64 37.13
CA LEU A 220 25.03 26.55 37.14
C LEU A 220 24.06 26.30 38.28
N ILE A 221 23.58 25.07 38.43
CA ILE A 221 22.68 24.75 39.53
C ILE A 221 23.42 24.80 40.86
N LYS A 222 24.61 24.21 40.91
CA LYS A 222 25.36 24.15 42.16
C LYS A 222 25.79 25.53 42.63
N PHE A 223 26.33 26.35 41.73
CA PHE A 223 26.92 27.63 42.11
C PHE A 223 25.90 28.77 42.09
N GLU A 224 24.66 28.49 41.68
CA GLU A 224 23.58 29.47 41.69
C GLU A 224 23.92 30.70 40.85
N LYS A 225 24.06 30.47 39.55
CA LYS A 225 24.29 31.51 38.57
C LYS A 225 23.03 31.67 37.71
N LEU A 226 22.63 32.93 37.47
CA LEU A 226 21.42 33.21 36.72
C LEU A 226 21.70 33.81 35.35
N ASN A 227 22.49 34.89 35.28
CA ASN A 227 22.81 35.47 33.98
C ASN A 227 23.59 34.50 33.12
N ASP A 228 24.54 33.78 33.72
CA ASP A 228 25.25 32.73 33.00
C ASP A 228 24.30 31.66 32.52
N LEU A 229 23.31 31.30 33.35
CA LEU A 229 22.32 30.32 32.95
C LEU A 229 21.56 30.78 31.72
N HIS A 230 21.10 32.02 31.71
CA HIS A 230 20.36 32.54 30.56
C HIS A 230 21.25 32.57 29.32
N ILE A 231 22.49 33.03 29.46
CA ILE A 231 23.37 33.13 28.31
C ILE A 231 23.64 31.75 27.71
N ILE A 232 23.95 30.77 28.56
CA ILE A 232 24.26 29.44 28.07
C ILE A 232 23.03 28.78 27.46
N SER A 233 21.86 29.00 28.07
CA SER A 233 20.63 28.44 27.52
C SER A 233 20.35 29.00 26.13
N ALA A 234 20.52 30.32 25.96
CA ALA A 234 20.32 30.90 24.64
C ALA A 234 21.34 30.36 23.64
N GLY A 235 22.59 30.22 24.06
CA GLY A 235 23.59 29.66 23.16
C GLY A 235 23.26 28.26 22.71
N PHE A 236 22.76 27.43 23.63
CA PHE A 236 22.43 26.05 23.27
C PHE A 236 21.17 25.99 22.41
N ALA A 237 20.22 26.90 22.63
CA ALA A 237 19.09 26.98 21.71
C ALA A 237 19.56 27.32 20.30
N VAL A 238 20.51 28.25 20.20
CA VAL A 238 21.06 28.61 18.88
C VAL A 238 21.75 27.40 18.24
N ILE A 239 22.53 26.66 19.03
CA ILE A 239 23.21 25.49 18.50
C ILE A 239 22.21 24.46 18.01
N PHE A 240 21.13 24.23 18.76
CA PHE A 240 20.13 23.27 18.32
C PHE A 240 19.43 23.73 17.04
N LEU A 241 19.14 25.03 16.93
CA LEU A 241 18.52 25.51 15.70
C LEU A 241 19.44 25.31 14.50
N LEU A 242 20.73 25.58 14.67
CA LEU A 242 21.69 25.31 13.60
C LEU A 242 21.71 23.82 13.25
N GLN A 243 21.60 22.97 14.28
CA GLN A 243 21.56 21.52 14.03
C GLN A 243 20.35 21.14 13.20
N ILE A 244 19.19 21.72 13.50
CA ILE A 244 17.99 21.42 12.71
C ILE A 244 18.17 21.89 11.27
N PHE A 245 18.73 23.09 11.08
CA PHE A 245 18.92 23.58 9.71
C PHE A 245 19.87 22.68 8.92
N LEU A 246 20.95 22.23 9.56
CA LEU A 246 21.87 21.33 8.88
C LEU A 246 21.21 20.00 8.54
N ASN A 247 20.39 19.49 9.45
CA ASN A 247 19.67 18.25 9.16
C ASN A 247 18.73 18.42 7.97
N TYR A 248 18.03 19.56 7.92
CA TYR A 248 17.12 19.84 6.82
C TYR A 248 17.86 19.89 5.49
N TYR A 249 18.97 20.61 5.44
CA TYR A 249 19.75 20.71 4.21
C TYR A 249 20.30 19.35 3.78
N ARG A 250 20.85 18.59 4.74
CA ARG A 250 21.40 17.29 4.40
C ARG A 250 20.32 16.36 3.89
N SER A 251 19.12 16.42 4.49
CA SER A 251 18.04 15.55 4.05
C SER A 251 17.60 15.90 2.63
N ILE A 252 17.55 17.19 2.30
CA ILE A 252 17.20 17.58 0.93
C ILE A 252 18.21 17.02 -0.06
N LEU A 253 19.50 17.17 0.26
CA LEU A 253 20.52 16.67 -0.65
C LEU A 253 20.45 15.15 -0.79
N VAL A 254 20.20 14.44 0.32
CA VAL A 254 20.11 12.98 0.26
C VAL A 254 18.94 12.55 -0.61
N THR A 255 17.78 13.20 -0.45
CA THR A 255 16.64 12.77 -1.26
C THR A 255 16.87 13.07 -2.73
N LYS A 256 17.51 14.21 -3.06
CA LYS A 256 17.82 14.48 -4.46
C LYS A 256 18.76 13.43 -5.03
N LEU A 257 19.80 13.07 -4.28
CA LEU A 257 20.76 12.08 -4.75
C LEU A 257 20.09 10.73 -4.96
N GLY A 258 19.26 10.30 -4.02
CA GLY A 258 18.57 9.04 -4.17
C GLY A 258 17.65 9.03 -5.38
N MET A 259 16.92 10.12 -5.59
CA MET A 259 16.06 10.22 -6.76
C MET A 259 16.86 10.13 -8.06
N SER A 260 18.00 10.82 -8.13
CA SER A 260 18.80 10.77 -9.36
C SER A 260 19.32 9.37 -9.62
N ILE A 261 19.83 8.69 -8.58
CA ILE A 261 20.35 7.34 -8.77
C ILE A 261 19.23 6.40 -9.20
N ASP A 262 18.06 6.51 -8.57
CA ASP A 262 16.94 5.65 -8.92
C ASP A 262 16.50 5.86 -10.36
N LYS A 263 16.40 7.13 -10.79
CA LYS A 263 15.99 7.40 -12.16
C LYS A 263 17.01 6.87 -13.15
N SER A 264 18.30 7.04 -12.86
CA SER A 264 19.32 6.52 -13.76
C SER A 264 19.22 5.00 -13.88
N ILE A 265 19.06 4.31 -12.76
CA ILE A 265 18.97 2.85 -12.78
C ILE A 265 17.75 2.40 -13.57
N MET A 266 16.59 3.00 -13.29
CA MET A 266 15.38 2.60 -13.98
C MET A 266 15.48 2.84 -15.47
N MET A 267 16.04 3.97 -15.88
CA MET A 267 16.12 4.27 -17.30
C MET A 267 17.10 3.34 -17.99
N GLU A 268 18.21 3.00 -17.33
CA GLU A 268 19.15 2.07 -17.93
C GLU A 268 18.53 0.70 -18.11
N TYR A 269 17.82 0.22 -17.09
CA TYR A 269 17.19 -1.09 -17.19
C TYR A 269 16.15 -1.12 -18.30
N TYR A 270 15.31 -0.10 -18.38
CA TYR A 270 14.32 -0.07 -19.45
C TYR A 270 14.97 0.03 -20.82
N SER A 271 16.02 0.83 -20.94
CA SER A 271 16.69 0.97 -22.23
C SER A 271 17.30 -0.37 -22.67
N HIS A 272 17.84 -1.14 -21.74
CA HIS A 272 18.38 -2.44 -22.14
C HIS A 272 17.28 -3.45 -22.45
N VAL A 273 16.16 -3.41 -21.70
CA VAL A 273 15.06 -4.31 -22.02
C VAL A 273 14.53 -4.03 -23.42
N LEU A 274 14.46 -2.75 -23.79
CA LEU A 274 13.84 -2.35 -25.05
C LEU A 274 14.63 -2.82 -26.26
N LYS A 275 15.87 -3.29 -26.09
CA LYS A 275 16.69 -3.69 -27.23
C LYS A 275 17.08 -5.16 -27.16
N LEU A 276 16.14 -6.03 -26.82
CA LEU A 276 16.43 -7.45 -26.73
C LEU A 276 15.66 -8.24 -27.78
N PRO A 277 16.17 -9.38 -28.21
CA PRO A 277 15.45 -10.20 -29.20
C PRO A 277 14.10 -10.66 -28.67
N MET A 278 13.17 -10.90 -29.59
CA MET A 278 11.83 -11.33 -29.23
C MET A 278 11.81 -12.66 -28.50
N ASN A 279 12.87 -13.45 -28.64
CA ASN A 279 12.99 -14.68 -27.85
C ASN A 279 12.98 -14.38 -26.36
N PHE A 280 13.47 -13.20 -25.97
CA PHE A 280 13.37 -12.78 -24.58
C PHE A 280 11.92 -12.43 -24.21
N PHE A 281 11.23 -11.71 -25.09
CA PHE A 281 9.92 -11.17 -24.73
C PHE A 281 8.85 -12.25 -24.71
N ASN A 282 8.84 -13.14 -25.70
CA ASN A 282 7.77 -14.13 -25.79
C ASN A 282 7.83 -15.18 -24.70
N SER A 283 9.00 -15.38 -24.09
CA SER A 283 9.18 -16.43 -23.08
C SER A 283 8.95 -15.94 -21.65
N ARG A 284 8.61 -14.67 -21.46
CA ARG A 284 8.38 -14.12 -20.12
C ARG A 284 7.08 -13.34 -20.08
N LYS A 285 6.47 -13.30 -18.90
CA LYS A 285 5.20 -12.63 -18.72
C LYS A 285 5.37 -11.12 -18.79
N VAL A 286 4.30 -10.43 -19.18
CA VAL A 286 4.32 -8.97 -19.23
C VAL A 286 4.50 -8.38 -17.84
N GLY A 287 3.79 -8.92 -16.85
CA GLY A 287 3.88 -8.42 -15.50
C GLY A 287 5.22 -8.68 -14.83
N GLU A 288 5.98 -9.65 -15.32
CA GLU A 288 7.31 -9.90 -14.76
C GLU A 288 8.28 -8.80 -15.14
N ILE A 289 8.13 -8.21 -16.32
CA ILE A 289 9.06 -7.18 -16.78
C ILE A 289 8.92 -5.93 -15.92
N ILE A 290 7.70 -5.47 -15.69
CA ILE A 290 7.50 -4.25 -14.91
C ILE A 290 7.91 -4.47 -13.46
N SER A 291 7.81 -5.70 -12.96
CA SER A 291 8.11 -5.97 -11.56
C SER A 291 9.55 -5.59 -11.22
N ARG A 292 10.49 -5.88 -12.13
CA ARG A 292 11.88 -5.53 -11.91
C ARG A 292 12.07 -4.04 -11.66
N PHE A 293 11.19 -3.19 -12.22
CA PHE A 293 11.28 -1.76 -11.94
C PHE A 293 11.23 -1.51 -10.44
N MET A 294 10.31 -2.17 -9.73
CA MET A 294 10.26 -2.01 -8.28
C MET A 294 11.58 -2.41 -7.65
N ASP A 295 12.18 -3.50 -8.14
CA ASP A 295 13.48 -3.92 -7.64
C ASP A 295 14.50 -2.79 -7.77
N ALA A 296 14.43 -2.02 -8.87
CA ALA A 296 15.32 -0.90 -9.05
C ALA A 296 15.26 0.04 -7.86
N SER A 297 14.04 0.37 -7.41
CA SER A 297 13.89 1.23 -6.25
C SER A 297 14.65 0.65 -5.06
N LYS A 298 14.52 -0.66 -4.84
CA LYS A 298 15.22 -1.29 -3.73
C LYS A 298 16.72 -1.05 -3.83
N ILE A 299 17.28 -1.17 -5.04
CA ILE A 299 18.71 -0.99 -5.21
C ILE A 299 19.13 0.40 -4.73
N ARG A 300 18.30 1.42 -4.98
CA ARG A 300 18.65 2.76 -4.53
C ARG A 300 18.93 2.75 -3.03
N GLN A 301 18.06 2.13 -2.23
CA GLN A 301 18.26 2.07 -0.79
C GLN A 301 19.64 1.52 -0.47
N ALA A 302 20.05 0.46 -1.16
CA ALA A 302 21.36 -0.12 -0.92
C ALA A 302 22.45 0.95 -1.01
N ILE A 303 22.46 1.71 -2.11
CA ILE A 303 23.48 2.74 -2.24
C ILE A 303 23.32 3.78 -1.14
N SER A 304 22.09 4.18 -0.85
CA SER A 304 21.88 5.06 0.31
C SER A 304 22.33 4.40 1.59
N GLY A 305 22.07 3.11 1.76
CA GLY A 305 22.60 2.40 2.90
C GLY A 305 24.11 2.48 2.98
N ALA A 306 24.78 2.43 1.82
CA ALA A 306 26.23 2.60 1.80
C ALA A 306 26.63 3.92 2.44
N THR A 307 25.91 5.00 2.13
CA THR A 307 26.22 6.28 2.75
C THR A 307 26.19 6.16 4.27
N LEU A 308 25.18 5.44 4.78
CA LEU A 308 25.07 5.25 6.22
C LEU A 308 26.36 4.66 6.77
N THR A 309 26.88 3.63 6.10
CA THR A 309 28.04 2.90 6.60
C THR A 309 29.25 3.81 6.70
N ILE A 310 29.20 4.97 6.05
CA ILE A 310 30.25 5.97 6.18
C ILE A 310 29.76 7.26 6.82
N MET A 311 28.45 7.54 6.79
CA MET A 311 27.99 8.87 7.20
C MET A 311 27.75 8.95 8.70
N ILE A 312 26.86 8.12 9.23
CA ILE A 312 26.51 8.19 10.64
C ILE A 312 27.15 7.07 11.46
N ASP A 313 27.54 5.96 10.86
CA ASP A 313 28.30 4.94 11.57
C ASP A 313 29.79 5.20 11.37
N THR A 314 30.60 4.19 11.70
CA THR A 314 32.05 4.21 11.55
C THR A 314 32.62 5.50 12.12
N ILE A 315 33.04 6.41 11.24
CA ILE A 315 33.61 7.69 11.67
C ILE A 315 32.70 8.33 12.72
N MET A 316 31.45 8.60 12.33
CA MET A 316 30.56 9.32 13.23
C MET A 316 30.32 8.53 14.51
N ALA A 317 30.37 7.19 14.44
CA ALA A 317 30.31 6.41 15.66
C ALA A 317 31.63 6.48 16.42
N VAL A 318 32.74 6.25 15.72
CA VAL A 318 34.03 6.10 16.40
C VAL A 318 34.35 7.33 17.22
N ILE A 319 34.22 8.51 16.61
CA ILE A 319 34.40 9.77 17.33
C ILE A 319 33.60 9.72 18.63
N GLY A 320 32.29 9.52 18.51
CA GLY A 320 31.46 9.47 19.70
C GLY A 320 31.95 8.44 20.70
N GLY A 321 32.29 7.25 20.19
CA GLY A 321 32.79 6.21 21.09
C GLY A 321 34.01 6.69 21.85
N ILE A 322 34.97 7.29 21.13
CA ILE A 322 36.17 7.78 21.81
C ILE A 322 35.78 8.78 22.87
N LEU A 323 34.83 9.67 22.56
CA LEU A 323 34.46 10.68 23.53
C LEU A 323 33.88 10.03 24.78
N LEU A 324 33.15 8.92 24.62
CA LEU A 324 32.64 8.22 25.79
C LEU A 324 33.78 7.75 26.68
N TYR A 325 34.84 7.22 26.07
CA TYR A 325 36.00 6.77 26.84
C TYR A 325 36.64 7.92 27.61
N ILE A 326 36.40 9.16 27.19
CA ILE A 326 36.92 10.30 27.94
C ILE A 326 36.25 10.39 29.31
N GLN A 327 34.94 10.14 29.37
CA GLN A 327 34.22 10.29 30.64
C GLN A 327 34.52 9.14 31.59
N ASN A 328 34.20 7.92 31.19
CA ASN A 328 34.38 6.78 32.08
C ASN A 328 34.61 5.52 31.25
N SER A 329 35.62 4.73 31.66
CA SER A 329 35.91 3.50 30.93
C SER A 329 34.88 2.43 31.22
N SER A 330 34.48 2.28 32.48
CA SER A 330 33.53 1.24 32.85
C SER A 330 32.17 1.45 32.19
N LEU A 331 31.69 2.68 32.18
CA LEU A 331 30.41 2.96 31.54
C LEU A 331 30.48 2.72 30.04
N PHE A 332 31.60 3.08 29.40
CA PHE A 332 31.74 2.80 27.99
C PHE A 332 31.77 1.29 27.72
N PHE A 333 32.45 0.53 28.58
CA PHE A 333 32.47 -0.92 28.41
C PHE A 333 31.07 -1.51 28.55
N ILE A 334 30.30 -0.99 29.51
CA ILE A 334 28.93 -1.45 29.67
C ILE A 334 28.10 -1.13 28.42
N SER A 335 28.29 0.06 27.86
CA SER A 335 27.57 0.42 26.64
C SER A 335 27.96 -0.51 25.49
N PHE A 336 29.25 -0.84 25.38
CA PHE A 336 29.69 -1.76 24.35
C PHE A 336 29.06 -3.13 24.52
N ILE A 337 28.97 -3.60 25.77
CA ILE A 337 28.32 -4.90 26.02
C ILE A 337 26.86 -4.83 25.63
N ILE A 338 26.19 -3.72 25.91
CA ILE A 338 24.78 -3.56 25.53
C ILE A 338 24.63 -3.67 24.02
N ILE A 339 25.47 -2.95 23.27
CA ILE A 339 25.33 -2.96 21.83
C ILE A 339 25.68 -4.33 21.25
N LEU A 340 26.66 -5.02 21.85
CA LEU A 340 26.98 -6.37 21.40
C LEU A 340 25.82 -7.32 21.62
N LEU A 341 25.17 -7.23 22.79
CA LEU A 341 24.02 -8.08 23.05
C LEU A 341 22.88 -7.80 22.07
N TYR A 342 22.62 -6.53 21.78
CA TYR A 342 21.57 -6.20 20.83
C TYR A 342 21.90 -6.74 19.44
N GLY A 343 23.16 -6.60 19.02
CA GLY A 343 23.54 -7.14 17.73
C GLY A 343 23.40 -8.64 17.65
N ILE A 344 23.77 -9.34 18.73
CA ILE A 344 23.63 -10.78 18.77
C ILE A 344 22.16 -11.17 18.64
N ILE A 345 21.29 -10.47 19.37
CA ILE A 345 19.86 -10.80 19.33
C ILE A 345 19.30 -10.60 17.93
N VAL A 346 19.63 -9.47 17.30
CA VAL A 346 19.10 -9.19 15.97
C VAL A 346 19.63 -10.21 14.96
N THR A 347 20.92 -10.54 15.03
CA THR A 347 21.48 -11.51 14.11
C THR A 347 20.83 -12.88 14.27
N VAL A 348 20.58 -13.29 15.52
CA VAL A 348 19.95 -14.58 15.76
C VAL A 348 18.52 -14.58 15.22
N PHE A 349 17.77 -13.50 15.45
CA PHE A 349 16.36 -13.48 15.08
C PHE A 349 16.11 -13.05 13.64
N ASN A 350 17.16 -12.75 12.87
CA ASN A 350 16.97 -12.33 11.50
C ASN A 350 16.31 -13.42 10.66
N LYS A 351 16.97 -14.57 10.53
CA LYS A 351 16.53 -15.59 9.57
C LYS A 351 15.12 -16.13 9.84
N PRO A 352 14.75 -16.52 11.07
CA PRO A 352 13.38 -17.03 11.28
C PRO A 352 12.31 -16.03 10.90
N ILE A 353 12.56 -14.74 11.08
CA ILE A 353 11.61 -13.73 10.64
C ILE A 353 11.42 -13.80 9.13
N GLN A 354 12.52 -13.96 8.39
CA GLN A 354 12.42 -14.05 6.94
C GLN A 354 11.66 -15.31 6.52
N ASN A 355 11.91 -16.44 7.19
CA ASN A 355 11.18 -17.65 6.86
C ASN A 355 9.69 -17.49 7.13
N ALA A 356 9.34 -16.88 8.26
CA ALA A 356 7.93 -16.66 8.56
C ALA A 356 7.28 -15.73 7.54
N ASN A 357 8.00 -14.69 7.12
CA ASN A 357 7.45 -13.79 6.10
C ASN A 357 7.25 -14.50 4.78
N ARG A 358 8.18 -15.39 4.40
CA ARG A 358 8.00 -16.17 3.19
C ARG A 358 6.78 -17.06 3.28
N GLN A 359 6.58 -17.70 4.44
CA GLN A 359 5.39 -18.53 4.62
C GLN A 359 4.12 -17.69 4.53
N ILE A 360 4.15 -16.47 5.08
CA ILE A 360 3.01 -15.57 4.98
C ILE A 360 2.70 -15.25 3.53
N MET A 361 3.73 -14.94 2.74
CA MET A 361 3.51 -14.64 1.33
C MET A 361 2.91 -15.83 0.61
N GLU A 362 3.43 -17.03 0.88
CA GLU A 362 2.91 -18.23 0.22
C GLU A 362 1.44 -18.46 0.57
N ASP A 363 1.10 -18.34 1.86
CA ASP A 363 -0.27 -18.61 2.27
C ASP A 363 -1.23 -17.55 1.75
N ASN A 364 -0.81 -16.29 1.73
CA ASN A 364 -1.65 -15.25 1.15
C ASN A 364 -1.87 -15.49 -0.34
N ALA A 365 -0.82 -15.90 -1.06
CA ALA A 365 -0.99 -16.21 -2.47
C ALA A 365 -1.99 -17.34 -2.68
N LYS A 366 -1.89 -18.40 -1.87
CA LYS A 366 -2.83 -19.51 -2.00
C LYS A 366 -4.25 -19.07 -1.71
N LEU A 367 -4.45 -18.26 -0.65
CA LEU A 367 -5.79 -17.80 -0.31
C LEU A 367 -6.36 -16.92 -1.42
N THR A 368 -5.54 -16.02 -1.96
CA THR A 368 -6.03 -15.14 -3.02
C THR A 368 -6.39 -15.94 -4.27
N SER A 369 -5.57 -16.94 -4.62
CA SER A 369 -5.89 -17.77 -5.78
C SER A 369 -7.20 -18.52 -5.57
N ALA A 370 -7.39 -19.09 -4.39
CA ALA A 370 -8.63 -19.80 -4.11
C ALA A 370 -9.83 -18.86 -4.16
N LEU A 371 -9.70 -17.66 -3.59
CA LEU A 371 -10.79 -16.70 -3.61
C LEU A 371 -11.16 -16.29 -5.02
N VAL A 372 -10.16 -15.98 -5.84
CA VAL A 372 -10.42 -15.55 -7.22
C VAL A 372 -11.05 -16.68 -8.02
N GLU A 373 -10.54 -17.91 -7.86
CA GLU A 373 -11.10 -19.04 -8.58
C GLU A 373 -12.54 -19.30 -8.16
N SER A 374 -12.84 -19.16 -6.87
CA SER A 374 -14.21 -19.37 -6.40
C SER A 374 -15.14 -18.28 -6.92
N VAL A 375 -14.67 -17.03 -6.96
CA VAL A 375 -15.53 -15.94 -7.42
C VAL A 375 -15.80 -16.05 -8.91
N LYS A 376 -14.77 -16.36 -9.70
CA LYS A 376 -14.96 -16.45 -11.15
C LYS A 376 -15.92 -17.57 -11.52
N GLY A 377 -15.83 -18.70 -10.84
CA GLY A 377 -16.74 -19.80 -11.10
C GLY A 377 -17.96 -19.78 -10.21
N ILE A 378 -18.50 -18.59 -9.94
CA ILE A 378 -19.65 -18.47 -9.05
C ILE A 378 -20.89 -19.11 -9.66
N GLU A 379 -20.99 -19.14 -11.00
CA GLU A 379 -22.17 -19.70 -11.63
C GLU A 379 -22.35 -21.17 -11.26
N THR A 380 -21.28 -21.95 -11.35
CA THR A 380 -21.36 -23.36 -10.99
C THR A 380 -21.62 -23.55 -9.50
N ILE A 381 -21.03 -22.69 -8.66
CA ILE A 381 -21.26 -22.78 -7.22
C ILE A 381 -22.73 -22.58 -6.90
N LYS A 382 -23.36 -21.57 -7.50
CA LYS A 382 -24.78 -21.36 -7.26
C LYS A 382 -25.61 -22.48 -7.86
N SER A 383 -25.23 -22.98 -9.04
CA SER A 383 -26.03 -24.00 -9.71
C SER A 383 -26.03 -25.31 -8.90
N PHE A 384 -24.88 -25.69 -8.36
CA PHE A 384 -24.78 -26.96 -7.63
C PHE A 384 -25.16 -26.84 -6.17
N GLY A 385 -25.47 -25.63 -5.68
CA GLY A 385 -25.83 -25.45 -4.30
C GLY A 385 -24.70 -25.79 -3.35
N ALA A 386 -23.51 -25.32 -3.64
CA ALA A 386 -22.33 -25.66 -2.84
C ALA A 386 -21.68 -24.44 -2.23
N GLU A 387 -22.49 -23.54 -1.70
CA GLU A 387 -21.93 -22.37 -1.00
C GLU A 387 -21.24 -22.79 0.28
N GLU A 388 -21.80 -23.75 1.01
CA GLU A 388 -21.25 -24.15 2.31
C GLU A 388 -19.87 -24.79 2.15
N GLN A 389 -19.68 -25.61 1.10
CA GLN A 389 -18.38 -26.26 0.91
C GLN A 389 -17.30 -25.23 0.64
N THR A 390 -17.57 -24.27 -0.23
CA THR A 390 -16.60 -23.21 -0.51
C THR A 390 -16.36 -22.35 0.73
N GLU A 391 -17.41 -22.10 1.51
CA GLU A 391 -17.24 -21.34 2.75
C GLU A 391 -16.30 -22.08 3.70
N LYS A 392 -16.47 -23.39 3.85
CA LYS A 392 -15.60 -24.15 4.75
C LYS A 392 -14.17 -24.18 4.22
N SER A 393 -13.99 -24.33 2.91
CA SER A 393 -12.63 -24.34 2.36
C SER A 393 -11.94 -23.00 2.58
N THR A 394 -12.66 -21.90 2.36
CA THR A 394 -12.06 -20.59 2.57
C THR A 394 -11.80 -20.33 4.04
N ARG A 395 -12.66 -20.84 4.93
CA ARG A 395 -12.40 -20.73 6.36
C ARG A 395 -11.14 -21.47 6.75
N ASP A 396 -10.95 -22.67 6.17
CA ASP A 396 -9.71 -23.41 6.43
C ASP A 396 -8.49 -22.63 5.95
N LYS A 397 -8.57 -22.03 4.77
CA LYS A 397 -7.43 -21.28 4.26
C LYS A 397 -7.13 -20.06 5.11
N ILE A 398 -8.18 -19.37 5.58
CA ILE A 398 -7.97 -18.22 6.46
C ILE A 398 -7.39 -18.66 7.79
N GLU A 399 -7.81 -19.81 8.32
CA GLU A 399 -7.19 -20.32 9.53
C GLU A 399 -5.72 -20.60 9.33
N THR A 400 -5.36 -21.17 8.17
CA THR A 400 -3.95 -21.44 7.89
C THR A 400 -3.14 -20.14 7.83
N VAL A 401 -3.63 -19.15 7.09
CA VAL A 401 -2.88 -17.90 6.99
C VAL A 401 -2.82 -17.20 8.34
N MET A 402 -3.85 -17.34 9.17
CA MET A 402 -3.83 -16.70 10.47
C MET A 402 -2.85 -17.38 11.41
N LYS A 403 -2.74 -18.71 11.34
CA LYS A 403 -1.73 -19.39 12.15
C LYS A 403 -0.32 -18.96 11.74
N SER A 404 -0.08 -18.84 10.43
CA SER A 404 1.23 -18.36 9.99
C SER A 404 1.49 -16.92 10.45
N SER A 405 0.45 -16.08 10.39
CA SER A 405 0.62 -14.70 10.85
C SER A 405 0.89 -14.65 12.34
N PHE A 406 0.27 -15.54 13.11
CA PHE A 406 0.55 -15.61 14.54
C PHE A 406 2.00 -16.03 14.78
N LYS A 407 2.51 -16.95 13.98
CA LYS A 407 3.92 -17.32 14.12
C LYS A 407 4.83 -16.13 13.87
N GLU A 408 4.56 -15.37 12.80
CA GLU A 408 5.38 -14.19 12.54
C GLU A 408 5.27 -13.17 13.66
N GLY A 409 4.05 -12.96 14.17
CA GLY A 409 3.87 -12.03 15.28
C GLY A 409 4.60 -12.48 16.53
N MET A 410 4.65 -13.79 16.75
CA MET A 410 5.42 -14.33 17.87
C MET A 410 6.89 -14.03 17.72
N LEU A 411 7.43 -14.19 16.51
CA LEU A 411 8.84 -13.86 16.31
C LEU A 411 9.11 -12.38 16.54
N TYR A 412 8.24 -11.50 16.02
CA TYR A 412 8.42 -10.07 16.28
C TYR A 412 8.32 -9.75 17.77
N ILE A 413 7.37 -10.36 18.47
CA ILE A 413 7.20 -10.05 19.89
C ILE A 413 8.39 -10.56 20.69
N ASN A 414 8.92 -11.73 20.35
CA ASN A 414 10.12 -12.21 21.04
C ASN A 414 11.31 -11.30 20.79
N LEU A 415 11.51 -10.88 19.54
CA LEU A 415 12.61 -9.96 19.25
C LEU A 415 12.45 -8.64 20.01
N SER A 416 11.24 -8.09 19.98
CA SER A 416 11.00 -6.81 20.65
C SER A 416 11.21 -6.94 22.15
N SER A 417 10.74 -8.04 22.74
CA SER A 417 10.89 -8.23 24.18
C SER A 417 12.35 -8.36 24.58
N LEU A 418 13.13 -9.16 23.83
CA LEU A 418 14.53 -9.31 24.17
C LEU A 418 15.29 -8.00 23.99
N THR A 419 15.00 -7.27 22.91
CA THR A 419 15.64 -5.98 22.70
C THR A 419 15.27 -4.98 23.80
N GLY A 420 14.00 -4.96 24.20
CA GLY A 420 13.59 -4.06 25.25
C GLY A 420 14.23 -4.38 26.59
N ILE A 421 14.31 -5.67 26.92
CA ILE A 421 15.02 -6.07 28.13
C ILE A 421 16.46 -5.60 28.08
N VAL A 422 17.15 -5.87 26.97
CA VAL A 422 18.55 -5.49 26.87
C VAL A 422 18.71 -3.98 27.04
N ALA A 423 17.94 -3.20 26.30
CA ALA A 423 18.11 -1.74 26.32
C ALA A 423 17.76 -1.15 27.67
N GLY A 424 16.58 -1.49 28.21
CA GLY A 424 16.17 -0.91 29.48
C GLY A 424 17.03 -1.34 30.65
N LEU A 425 17.34 -2.64 30.72
CA LEU A 425 18.23 -3.12 31.78
C LEU A 425 19.61 -2.51 31.65
N GLY A 426 20.08 -2.29 30.42
CA GLY A 426 21.34 -1.61 30.24
C GLY A 426 21.31 -0.18 30.72
N GLY A 427 20.21 0.52 30.46
CA GLY A 427 20.08 1.89 30.96
C GLY A 427 20.09 1.95 32.47
N ILE A 428 19.36 1.03 33.12
CA ILE A 428 19.37 0.98 34.57
C ILE A 428 20.76 0.65 35.08
N VAL A 429 21.46 -0.26 34.41
CA VAL A 429 22.79 -0.64 34.85
C VAL A 429 23.78 0.51 34.69
N ILE A 430 23.64 1.29 33.61
CA ILE A 430 24.50 2.45 33.42
C ILE A 430 24.25 3.49 34.50
N LEU A 431 22.97 3.76 34.81
CA LEU A 431 22.70 4.67 35.92
C LEU A 431 23.32 4.17 37.22
N TRP A 432 23.14 2.88 37.51
CA TRP A 432 23.66 2.33 38.76
C TRP A 432 25.18 2.40 38.82
N ALA A 433 25.85 1.98 37.74
CA ALA A 433 27.31 1.97 37.72
C ALA A 433 27.88 3.37 37.79
N GLY A 434 27.30 4.30 37.03
CA GLY A 434 27.74 5.67 37.07
C GLY A 434 27.56 6.27 38.44
N ALA A 435 26.41 6.03 39.07
CA ALA A 435 26.18 6.50 40.42
C ALA A 435 27.17 5.91 41.40
N TYR A 436 27.55 4.64 41.22
CA TYR A 436 28.56 4.06 42.08
C TYR A 436 29.88 4.80 41.97
N ASN A 437 30.23 5.27 40.77
CA ASN A 437 31.48 5.98 40.58
C ASN A 437 31.39 7.41 41.11
N VAL A 438 30.20 8.00 41.08
CA VAL A 438 30.03 9.34 41.64
C VAL A 438 30.35 9.27 43.12
N ILE A 439 29.84 8.24 43.79
CA ILE A 439 30.08 8.03 45.21
C ILE A 439 31.55 7.74 45.46
N LYS A 440 32.14 6.86 44.65
CA LYS A 440 33.53 6.48 44.87
C LYS A 440 34.44 7.69 44.72
N GLY A 441 34.19 8.52 43.72
CA GLY A 441 34.92 9.76 43.59
C GLY A 441 35.55 9.99 42.24
N ASN A 442 35.76 8.93 41.46
CA ASN A 442 36.45 9.02 40.19
C ASN A 442 35.73 9.95 39.23
N MET A 443 34.44 9.70 39.02
CA MET A 443 33.65 10.47 38.07
C MET A 443 32.96 11.59 38.86
N SER A 444 32.00 12.27 38.26
CA SER A 444 31.37 13.42 38.91
C SER A 444 29.87 13.39 38.69
N GLY A 445 29.22 14.53 38.85
CA GLY A 445 27.77 14.59 38.87
C GLY A 445 27.23 14.76 37.48
N GLY A 446 26.94 16.00 37.09
CA GLY A 446 26.40 16.30 35.77
C GLY A 446 27.02 15.52 34.61
N GLN A 447 28.26 15.07 34.76
CA GLN A 447 28.86 14.22 33.73
C GLN A 447 28.07 12.94 33.52
N LEU A 448 27.39 12.43 34.56
CA LEU A 448 26.54 11.25 34.39
C LEU A 448 25.37 11.56 33.46
N LEU A 449 24.72 12.71 33.67
CA LEU A 449 23.62 13.11 32.81
C LEU A 449 24.12 13.36 31.39
N ALA A 450 25.31 13.96 31.27
CA ALA A 450 25.90 14.16 29.95
C ALA A 450 26.18 12.83 29.27
N PHE A 451 26.67 11.84 30.02
CA PHE A 451 26.92 10.52 29.46
C PHE A 451 25.63 9.89 28.96
N ASN A 452 24.55 9.97 29.75
CA ASN A 452 23.28 9.43 29.29
C ASN A 452 22.79 10.14 28.04
N ALA A 453 22.87 11.47 28.01
CA ALA A 453 22.35 12.21 26.87
C ALA A 453 23.21 12.02 25.63
N LEU A 454 24.50 11.76 25.80
CA LEU A 454 25.42 11.56 24.69
C LEU A 454 25.49 10.10 24.25
N LEU A 455 24.97 9.16 25.05
CA LEU A 455 24.94 7.77 24.62
C LEU A 455 24.13 7.57 23.36
N ALA A 456 23.25 8.52 23.02
CA ALA A 456 22.50 8.42 21.78
C ALA A 456 23.45 8.40 20.58
N TYR A 457 24.42 9.30 20.57
CA TYR A 457 25.34 9.47 19.44
C TYR A 457 26.34 8.35 19.32
N PHE A 458 26.27 7.34 20.18
CA PHE A 458 27.01 6.09 20.01
C PHE A 458 26.11 4.90 19.77
N LEU A 459 24.96 4.82 20.44
CA LEU A 459 24.09 3.67 20.26
C LEU A 459 23.28 3.79 18.97
N THR A 460 22.57 4.90 18.80
CA THR A 460 21.75 5.06 17.60
C THR A 460 22.53 4.89 16.31
N PRO A 461 23.75 5.42 16.15
CA PRO A 461 24.50 5.11 14.91
C PRO A 461 24.71 3.62 14.69
N VAL A 462 25.23 2.91 15.69
CA VAL A 462 25.46 1.47 15.53
C VAL A 462 24.13 0.72 15.46
N LYS A 463 23.13 1.17 16.22
CA LYS A 463 21.80 0.57 16.13
C LYS A 463 21.18 0.75 14.75
N ASN A 464 21.62 1.75 13.99
CA ASN A 464 21.12 1.97 12.64
C ASN A 464 21.83 1.13 11.59
N LEU A 465 22.95 0.49 11.94
CA LEU A 465 23.62 -0.43 11.02
C LEU A 465 23.44 -1.88 11.41
N ILE A 466 23.21 -2.19 12.69
CA ILE A 466 22.82 -3.55 13.05
C ILE A 466 21.47 -3.87 12.44
N ASP A 467 20.57 -2.88 12.37
CA ASP A 467 19.28 -3.03 11.73
C ASP A 467 19.40 -3.02 10.20
N LEU A 468 20.57 -2.69 9.67
CA LEU A 468 20.78 -2.58 8.23
C LEU A 468 20.81 -3.92 7.52
N GLN A 469 20.94 -5.03 8.26
CA GLN A 469 21.09 -6.34 7.61
C GLN A 469 19.93 -6.71 6.69
N PRO A 470 18.66 -6.56 7.08
CA PRO A 470 17.59 -6.90 6.13
C PRO A 470 17.63 -6.10 4.84
N LEU A 471 18.02 -4.83 4.88
CA LEU A 471 18.00 -3.99 3.70
C LEU A 471 19.07 -4.34 2.67
N ILE A 472 20.00 -5.23 3.02
CA ILE A 472 21.01 -5.69 2.08
C ILE A 472 20.60 -6.99 1.41
N GLN A 473 19.92 -7.87 2.14
CA GLN A 473 19.51 -9.15 1.55
C GLN A 473 18.53 -8.93 0.40
N THR A 474 17.58 -8.01 0.56
CA THR A 474 16.75 -7.61 -0.57
C THR A 474 17.58 -6.91 -1.64
N ALA A 475 18.50 -6.05 -1.21
CA ALA A 475 19.30 -5.29 -2.16
C ALA A 475 20.19 -6.20 -3.01
N VAL A 476 20.83 -7.20 -2.39
CA VAL A 476 21.74 -8.03 -3.15
C VAL A 476 20.99 -8.86 -4.19
N VAL A 477 19.83 -9.41 -3.83
CA VAL A 477 19.08 -10.22 -4.78
C VAL A 477 18.50 -9.35 -5.89
N ALA A 478 18.03 -8.15 -5.55
CA ALA A 478 17.53 -7.24 -6.59
C ALA A 478 18.65 -6.87 -7.56
N SER A 479 19.82 -6.51 -7.03
CA SER A 479 20.93 -6.16 -7.90
C SER A 479 21.37 -7.35 -8.75
N ASN A 480 21.34 -8.55 -8.18
CA ASN A 480 21.72 -9.73 -8.93
C ASN A 480 20.75 -10.00 -10.09
N ARG A 481 19.45 -9.87 -9.85
CA ARG A 481 18.51 -10.13 -10.93
C ARG A 481 18.58 -9.05 -12.01
N LEU A 482 18.73 -7.78 -11.61
CA LEU A 482 18.93 -6.74 -12.61
C LEU A 482 20.20 -6.97 -13.41
N GLY A 483 21.28 -7.39 -12.75
CA GLY A 483 22.52 -7.66 -13.47
C GLY A 483 22.39 -8.82 -14.43
N GLU A 484 21.72 -9.89 -14.02
CA GLU A 484 21.59 -11.04 -14.91
C GLU A 484 20.66 -10.73 -16.09
N ILE A 485 19.67 -9.85 -15.90
CA ILE A 485 18.88 -9.41 -17.05
C ILE A 485 19.71 -8.54 -17.97
N LEU A 486 20.52 -7.62 -17.41
CA LEU A 486 21.37 -6.77 -18.23
C LEU A 486 22.47 -7.55 -18.93
N GLU A 487 22.80 -8.75 -18.44
CA GLU A 487 23.86 -9.54 -19.04
C GLU A 487 23.47 -10.06 -20.42
N LEU A 488 22.19 -10.13 -20.72
CA LEU A 488 21.73 -10.72 -21.98
C LEU A 488 22.25 -9.91 -23.16
N ALA A 489 22.61 -10.62 -24.23
CA ALA A 489 23.20 -9.99 -25.41
C ALA A 489 22.16 -9.13 -26.12
N THR A 490 22.65 -8.04 -26.73
CA THR A 490 21.79 -7.13 -27.46
C THR A 490 21.34 -7.75 -28.78
N GLU A 491 20.30 -7.15 -29.36
CA GLU A 491 19.79 -7.63 -30.65
C GLU A 491 20.85 -7.52 -31.74
N LYS A 492 21.56 -6.40 -31.79
CA LYS A 492 22.55 -6.18 -32.84
C LYS A 492 23.83 -6.98 -32.61
N GLU A 493 24.02 -7.57 -31.44
CA GLU A 493 25.22 -8.34 -31.17
C GLU A 493 25.18 -9.71 -31.83
N LEU A 494 24.00 -10.32 -31.94
CA LEU A 494 23.89 -11.67 -32.47
C LEU A 494 24.23 -11.76 -33.95
N ARG A 495 24.26 -10.64 -34.67
CA ARG A 495 24.53 -10.64 -36.09
C ARG A 495 25.59 -9.61 -36.42
N GLU A 496 26.35 -9.88 -37.49
CA GLU A 496 27.40 -8.98 -37.93
C GLU A 496 27.11 -8.44 -39.32
N SER A 546 -0.52 -21.13 -39.02
CA SER A 546 0.42 -20.14 -38.52
C SER A 546 1.65 -20.03 -39.43
N GLY A 547 1.52 -20.58 -40.63
CA GLY A 547 2.63 -20.52 -41.57
C GLY A 547 2.96 -19.12 -42.02
N LYS A 548 1.94 -18.31 -42.29
CA LYS A 548 2.16 -16.94 -42.76
C LYS A 548 2.93 -16.13 -41.72
N THR A 549 2.56 -16.27 -40.44
CA THR A 549 3.27 -15.55 -39.39
C THR A 549 4.72 -15.99 -39.31
N THR A 550 4.99 -17.29 -39.41
CA THR A 550 6.36 -17.77 -39.34
C THR A 550 7.19 -17.26 -40.50
N LEU A 551 6.64 -17.30 -41.71
CA LEU A 551 7.36 -16.77 -42.86
C LEU A 551 7.61 -15.28 -42.73
N ALA A 552 6.64 -14.53 -42.20
CA ALA A 552 6.85 -13.11 -41.97
C ALA A 552 7.98 -12.88 -40.98
N LYS A 553 7.99 -13.62 -39.86
CA LYS A 553 9.03 -13.46 -38.86
C LYS A 553 10.40 -13.77 -39.44
N LEU A 554 10.50 -14.85 -40.23
CA LEU A 554 11.77 -15.17 -40.86
C LEU A 554 12.18 -14.10 -41.86
N LEU A 555 11.21 -13.50 -42.55
CA LEU A 555 11.55 -12.45 -43.51
C LEU A 555 12.08 -11.21 -42.82
N MET A 556 11.50 -10.84 -41.67
CA MET A 556 11.98 -9.68 -40.94
C MET A 556 13.17 -9.96 -40.05
N ASN A 557 13.77 -11.15 -40.16
CA ASN A 557 14.98 -11.51 -39.40
C ASN A 557 14.77 -11.38 -37.90
N PHE A 558 13.56 -11.70 -37.43
CA PHE A 558 13.31 -11.69 -35.98
C PHE A 558 13.79 -12.98 -35.34
N TYR A 559 13.33 -14.12 -35.85
CA TYR A 559 13.71 -15.40 -35.29
C TYR A 559 14.84 -16.02 -36.10
N SER A 560 15.55 -16.95 -35.45
CA SER A 560 16.61 -17.68 -36.12
C SER A 560 16.03 -18.58 -37.19
N PRO A 561 16.78 -18.85 -38.26
CA PRO A 561 16.27 -19.71 -39.33
C PRO A 561 15.89 -21.09 -38.80
N GLU A 562 14.70 -21.54 -39.19
CA GLU A 562 14.14 -22.81 -38.75
C GLU A 562 13.55 -23.53 -39.96
N LYS A 563 13.61 -24.86 -39.94
CA LYS A 563 13.14 -25.68 -41.05
C LYS A 563 13.82 -25.27 -42.35
N GLY A 564 15.14 -25.12 -42.30
CA GLY A 564 15.90 -24.67 -43.46
C GLY A 564 16.78 -23.49 -43.15
N ASP A 565 18.09 -23.64 -43.40
CA ASP A 565 19.07 -22.61 -43.08
C ASP A 565 19.83 -22.17 -44.32
N ILE A 566 19.15 -22.12 -45.46
CA ILE A 566 19.80 -21.85 -46.74
C ILE A 566 19.82 -20.35 -47.05
N LEU A 567 18.64 -19.74 -47.12
CA LEU A 567 18.52 -18.33 -47.51
C LEU A 567 17.09 -17.90 -47.20
N ILE A 568 16.82 -16.62 -47.45
CA ILE A 568 15.49 -16.04 -47.26
C ILE A 568 14.91 -15.53 -48.58
N ASN A 569 15.56 -14.54 -49.20
CA ASN A 569 15.11 -13.99 -50.47
C ASN A 569 16.19 -13.15 -51.12
N GLY A 570 16.52 -13.45 -52.37
CA GLY A 570 17.48 -12.65 -53.11
C GLY A 570 18.90 -12.88 -52.68
N HIS A 571 19.24 -12.42 -51.48
CA HIS A 571 20.60 -12.54 -50.95
C HIS A 571 20.53 -12.69 -49.44
N SER A 572 21.64 -13.14 -48.86
CA SER A 572 21.76 -13.25 -47.41
C SER A 572 21.92 -11.85 -46.83
N ILE A 573 20.81 -11.25 -46.42
CA ILE A 573 20.81 -9.87 -45.95
C ILE A 573 21.35 -9.73 -44.53
N LYS A 574 21.56 -10.83 -43.82
CA LYS A 574 22.06 -10.77 -42.45
C LYS A 574 23.57 -10.59 -42.42
N ASN A 575 24.07 -9.62 -43.18
CA ASN A 575 25.51 -9.39 -43.26
C ASN A 575 25.92 -7.92 -43.15
N ILE A 576 25.04 -6.96 -43.41
CA ILE A 576 25.42 -5.55 -43.48
C ILE A 576 24.83 -4.74 -42.32
N SER A 577 23.50 -4.69 -42.22
CA SER A 577 22.86 -3.88 -41.18
C SER A 577 21.39 -4.25 -41.08
N LEU A 578 20.93 -4.47 -39.84
CA LEU A 578 19.53 -4.81 -39.62
C LEU A 578 18.61 -3.60 -39.82
N GLU A 579 19.15 -2.39 -39.65
CA GLU A 579 18.33 -1.19 -39.81
C GLU A 579 17.75 -1.08 -41.21
N LEU A 580 18.50 -1.52 -42.22
CA LEU A 580 18.00 -1.47 -43.59
C LEU A 580 16.78 -2.38 -43.74
N ILE A 581 16.83 -3.58 -43.17
CA ILE A 581 15.67 -4.47 -43.22
C ILE A 581 14.51 -3.87 -42.44
N ARG A 582 14.78 -3.30 -41.27
CA ARG A 582 13.69 -2.77 -40.46
C ARG A 582 13.05 -1.54 -41.10
N LYS A 583 13.80 -0.80 -41.90
CA LYS A 583 13.28 0.42 -42.51
C LYS A 583 12.65 0.17 -43.88
N LYS A 584 13.18 -0.77 -44.66
CA LYS A 584 12.68 -1.01 -46.00
C LYS A 584 11.57 -2.05 -46.07
N ILE A 585 11.27 -2.74 -44.97
CA ILE A 585 10.27 -3.80 -44.96
C ILE A 585 9.18 -3.43 -43.96
N ALA A 586 7.93 -3.48 -44.39
CA ALA A 586 6.79 -3.22 -43.52
C ALA A 586 6.20 -4.54 -43.03
N PHE A 587 5.11 -4.43 -42.27
CA PHE A 587 4.44 -5.60 -41.71
C PHE A 587 3.07 -5.17 -41.19
N VAL A 588 2.06 -5.99 -41.48
CA VAL A 588 0.72 -5.76 -40.96
C VAL A 588 0.42 -6.83 -39.91
N SER A 589 -0.08 -6.40 -38.77
CA SER A 589 -0.25 -7.27 -37.61
C SER A 589 -1.71 -7.60 -37.39
N GLN A 590 -1.95 -8.81 -36.87
CA GLN A 590 -3.31 -9.20 -36.50
C GLN A 590 -3.86 -8.31 -35.40
N ASP A 591 -3.03 -7.98 -34.42
CA ASP A 591 -3.39 -7.08 -33.33
C ASP A 591 -2.39 -5.93 -33.29
N VAL A 592 -2.89 -4.73 -33.00
CA VAL A 592 -2.07 -3.53 -32.92
C VAL A 592 -2.54 -2.69 -31.74
N PHE A 593 -1.60 -2.11 -31.02
CA PHE A 593 -1.92 -1.19 -29.93
C PHE A 593 -1.82 0.24 -30.44
N ILE A 594 -2.65 1.12 -29.87
CA ILE A 594 -2.67 2.53 -30.24
C ILE A 594 -2.56 3.36 -28.97
N PHE A 595 -1.70 4.37 -28.98
CA PHE A 595 -1.50 5.22 -27.82
C PHE A 595 -1.24 6.64 -28.28
N SER A 596 -1.46 7.58 -27.36
CA SER A 596 -1.18 9.02 -27.56
C SER A 596 -2.02 9.53 -28.74
N GLY A 597 -1.47 10.49 -29.49
CA GLY A 597 -2.18 11.13 -30.56
C GLY A 597 -1.89 10.51 -31.93
N THR A 598 -2.33 11.23 -32.97
CA THR A 598 -2.13 10.76 -34.33
C THR A 598 -0.66 10.70 -34.69
N VAL A 599 0.11 11.70 -34.26
CA VAL A 599 1.54 11.74 -34.58
C VAL A 599 2.27 10.55 -33.96
N LYS A 600 1.71 9.97 -32.88
CA LYS A 600 2.37 8.84 -32.24
C LYS A 600 2.49 7.66 -33.18
N GLU A 601 1.44 7.35 -33.94
CA GLU A 601 1.51 6.26 -34.89
C GLU A 601 2.14 6.75 -36.18
N ASN A 602 3.27 7.42 -36.06
CA ASN A 602 4.11 7.85 -37.17
C ASN A 602 5.57 7.69 -36.78
N LEU A 603 5.90 6.52 -36.24
CA LEU A 603 7.22 6.32 -35.62
C LEU A 603 8.36 6.56 -36.61
N CYS A 604 8.10 6.48 -37.91
CA CYS A 604 9.05 6.91 -38.93
C CYS A 604 8.62 8.31 -39.37
N LEU A 605 9.20 9.33 -38.73
CA LEU A 605 8.83 10.71 -38.99
C LEU A 605 10.11 11.54 -39.07
N GLY A 606 9.95 12.85 -39.24
CA GLY A 606 11.05 13.76 -39.48
C GLY A 606 10.61 14.87 -40.42
N ASN A 607 9.42 14.70 -41.00
CA ASN A 607 8.82 15.71 -41.85
C ASN A 607 7.31 15.50 -41.87
N GLU A 608 6.57 16.60 -42.06
CA GLU A 608 5.12 16.49 -42.18
C GLU A 608 4.74 15.70 -43.43
N ASN A 609 5.43 15.95 -44.55
CA ASN A 609 5.23 15.23 -45.80
C ASN A 609 3.79 15.33 -46.28
N VAL A 610 3.40 16.57 -46.61
CA VAL A 610 2.08 16.94 -47.13
C VAL A 610 0.97 16.15 -46.42
N ASP A 611 0.95 16.27 -45.08
CA ASP A 611 -0.06 15.63 -44.24
C ASP A 611 -0.11 14.12 -44.50
N MET A 612 1.05 13.47 -44.38
CA MET A 612 1.18 12.03 -44.63
C MET A 612 0.64 11.69 -46.01
N ASP A 613 1.34 12.16 -47.04
CA ASP A 613 0.98 12.04 -48.47
C ASP A 613 -0.54 12.04 -48.65
N GLU A 614 -1.17 13.10 -48.14
CA GLU A 614 -2.61 13.32 -48.26
C GLU A 614 -3.41 12.19 -47.61
N ILE A 615 -3.11 11.95 -46.32
CA ILE A 615 -3.81 10.95 -45.52
C ILE A 615 -3.72 9.60 -46.23
N ILE A 616 -2.52 9.25 -46.65
CA ILE A 616 -2.24 8.01 -47.39
C ILE A 616 -3.14 7.95 -48.61
N LYS A 617 -2.87 8.81 -49.59
CA LYS A 617 -3.61 8.88 -50.85
C LYS A 617 -5.11 8.72 -50.61
N ALA A 618 -5.71 9.68 -49.91
CA ALA A 618 -7.04 9.54 -49.34
C ALA A 618 -8.16 9.33 -50.35
N ALA A 619 -7.81 9.23 -51.64
CA ALA A 619 -8.83 8.92 -52.64
C ALA A 619 -9.51 7.60 -52.35
N LYS A 620 -8.75 6.60 -51.88
CA LYS A 620 -9.35 5.31 -51.56
C LYS A 620 -10.13 5.34 -50.24
N MET A 621 -9.62 6.07 -49.25
CA MET A 621 -10.24 6.14 -47.94
C MET A 621 -9.89 7.46 -47.28
N ALA A 622 -10.87 8.07 -46.62
CA ALA A 622 -10.65 9.33 -45.93
C ALA A 622 -10.81 9.19 -44.42
N ASN A 623 -11.97 8.72 -43.95
CA ASN A 623 -12.25 8.57 -42.52
C ASN A 623 -11.89 9.82 -41.74
N ALA A 624 -12.32 10.97 -42.27
CA ALA A 624 -11.99 12.25 -41.66
C ALA A 624 -12.54 12.33 -40.24
N HIS A 625 -13.88 12.36 -40.12
CA HIS A 625 -14.59 12.28 -38.85
C HIS A 625 -13.94 13.12 -37.75
N ASP A 626 -13.25 12.43 -36.83
CA ASP A 626 -12.64 13.07 -35.67
C ASP A 626 -11.20 12.62 -35.49
N PHE A 627 -10.65 11.85 -36.44
CA PHE A 627 -9.35 11.20 -36.26
C PHE A 627 -8.22 11.85 -37.05
N ILE A 628 -8.52 12.54 -38.15
CA ILE A 628 -7.45 13.03 -39.03
C ILE A 628 -6.59 14.07 -38.34
N GLU A 629 -7.16 14.91 -37.47
CA GLU A 629 -6.40 15.95 -36.81
C GLU A 629 -5.52 15.33 -35.73
N LYS A 630 -4.84 16.17 -34.95
CA LYS A 630 -3.81 15.74 -34.01
C LYS A 630 -4.34 15.56 -32.60
N LEU A 631 -5.57 15.09 -32.47
CA LEU A 631 -6.14 14.84 -31.15
C LEU A 631 -5.43 13.65 -30.49
N PRO A 632 -5.29 13.68 -29.16
CA PRO A 632 -4.79 12.51 -28.43
C PRO A 632 -5.88 11.45 -28.32
N LEU A 633 -5.62 10.26 -28.87
CA LEU A 633 -6.63 9.21 -28.87
C LEU A 633 -6.96 8.76 -27.45
N LYS A 634 -5.95 8.65 -26.60
CA LYS A 634 -6.16 8.29 -25.20
C LYS A 634 -5.55 9.33 -24.29
N GLY A 649 -13.25 -2.57 -34.27
CA GLY A 649 -12.69 -2.84 -35.58
C GLY A 649 -11.89 -1.68 -36.15
N GLN A 650 -11.86 -0.57 -35.41
CA GLN A 650 -11.13 0.61 -35.87
C GLN A 650 -9.62 0.44 -35.74
N LYS A 651 -9.16 -0.47 -34.87
CA LYS A 651 -7.72 -0.61 -34.64
C LYS A 651 -6.99 -1.03 -35.91
N GLN A 652 -7.30 -2.23 -36.42
CA GLN A 652 -6.64 -2.69 -37.64
C GLN A 652 -7.05 -1.87 -38.85
N ARG A 653 -8.27 -1.33 -38.85
CA ARG A 653 -8.71 -0.46 -39.93
C ARG A 653 -7.79 0.73 -40.07
N LEU A 654 -7.42 1.36 -38.94
CA LEU A 654 -6.46 2.44 -38.96
C LEU A 654 -5.05 1.93 -39.29
N ALA A 655 -4.64 0.83 -38.65
CA ALA A 655 -3.24 0.40 -38.74
C ALA A 655 -2.87 0.02 -40.16
N ILE A 656 -3.65 -0.86 -40.79
CA ILE A 656 -3.32 -1.33 -42.13
C ILE A 656 -3.36 -0.20 -43.14
N ALA A 657 -4.38 0.66 -43.03
CA ALA A 657 -4.57 1.71 -44.02
C ALA A 657 -3.56 2.84 -43.85
N ARG A 658 -3.04 3.05 -42.65
CA ARG A 658 -2.19 4.21 -42.38
C ARG A 658 -0.84 3.81 -41.79
N ALA A 659 -0.37 2.59 -42.04
CA ALA A 659 0.93 2.14 -41.57
C ALA A 659 1.89 1.84 -42.71
N LEU A 660 1.72 2.50 -43.85
CA LEU A 660 2.57 2.24 -45.02
C LEU A 660 3.45 3.44 -45.38
N LEU A 661 3.56 4.42 -44.48
CA LEU A 661 4.33 5.62 -44.78
C LEU A 661 5.81 5.34 -44.93
N LYS A 662 6.32 4.28 -44.32
CA LYS A 662 7.77 4.02 -44.33
C LYS A 662 8.30 3.61 -45.70
N LYS A 663 7.49 3.64 -46.76
CA LYS A 663 7.91 3.29 -48.11
C LYS A 663 8.53 1.90 -48.12
N PRO A 664 7.74 0.85 -47.89
CA PRO A 664 8.31 -0.50 -47.84
C PRO A 664 8.84 -0.95 -49.19
N ASP A 665 9.92 -1.73 -49.13
CA ASP A 665 10.45 -2.33 -50.35
C ASP A 665 9.58 -3.50 -50.81
N ILE A 666 9.07 -4.31 -49.87
CA ILE A 666 8.25 -5.46 -50.19
C ILE A 666 7.32 -5.71 -49.02
N LEU A 667 6.25 -6.48 -49.28
CA LEU A 667 5.27 -6.94 -48.30
C LEU A 667 4.38 -5.79 -47.84
N ILE A 668 3.11 -6.10 -47.60
CA ILE A 668 2.10 -5.10 -47.25
C ILE A 668 2.41 -4.38 -45.94
N TYR B 33 -19.33 22.06 -2.65
CA TYR B 33 -19.58 22.13 -1.21
C TYR B 33 -19.50 20.75 -0.57
N VAL B 34 -20.49 19.91 -0.85
CA VAL B 34 -20.58 18.57 -0.28
C VAL B 34 -20.29 17.56 -1.38
N CYS B 35 -19.50 16.54 -1.04
CA CYS B 35 -19.14 15.50 -2.01
C CYS B 35 -18.96 14.19 -1.27
N VAL B 36 -19.08 13.10 -2.02
CA VAL B 36 -18.81 11.75 -1.51
C VAL B 36 -17.77 11.11 -2.41
N ARG B 37 -16.71 10.58 -1.80
CA ARG B 37 -15.62 10.00 -2.58
C ARG B 37 -16.04 8.65 -3.17
N GLN B 38 -15.56 8.38 -4.37
CA GLN B 38 -15.84 7.10 -5.00
C GLN B 38 -15.05 5.99 -4.31
N TYR B 39 -15.63 4.78 -4.32
CA TYR B 39 -14.96 3.63 -3.74
C TYR B 39 -14.31 2.72 -4.77
N ASP B 40 -14.77 2.76 -6.02
CA ASP B 40 -14.22 1.92 -7.07
C ASP B 40 -14.01 2.76 -8.32
N LEU B 41 -13.50 2.12 -9.37
CA LEU B 41 -13.17 2.83 -10.59
C LEU B 41 -14.40 3.17 -11.43
N THR B 42 -15.46 2.37 -11.35
CA THR B 42 -16.58 2.43 -12.27
C THR B 42 -17.87 2.86 -11.60
N ASP B 43 -17.80 3.86 -10.71
CA ASP B 43 -19.01 4.34 -10.05
C ASP B 43 -19.02 5.87 -9.93
N CYS B 44 -18.43 6.57 -10.90
CA CYS B 44 -18.38 8.02 -10.84
C CYS B 44 -19.78 8.63 -10.88
N GLY B 45 -20.64 8.11 -11.77
CA GLY B 45 -22.01 8.62 -11.83
C GLY B 45 -22.79 8.31 -10.58
N ALA B 46 -22.62 7.11 -10.03
CA ALA B 46 -23.28 6.76 -8.77
C ALA B 46 -22.80 7.66 -7.65
N ALA B 47 -21.50 7.94 -7.59
CA ALA B 47 -20.97 8.83 -6.57
C ALA B 47 -21.53 10.24 -6.73
N CYS B 48 -21.64 10.73 -7.97
CA CYS B 48 -22.19 12.06 -8.18
C CYS B 48 -23.64 12.16 -7.77
N LEU B 49 -24.43 11.14 -8.10
CA LEU B 49 -25.83 11.13 -7.68
C LEU B 49 -25.94 11.04 -6.16
N SER B 50 -25.05 10.26 -5.53
CA SER B 50 -25.03 10.20 -4.08
C SER B 50 -24.69 11.55 -3.48
N SER B 51 -23.76 12.28 -4.10
CA SER B 51 -23.41 13.61 -3.61
C SER B 51 -24.58 14.58 -3.72
N ILE B 52 -25.30 14.52 -4.84
CA ILE B 52 -26.51 15.34 -4.98
C ILE B 52 -27.52 14.98 -3.91
N ALA B 53 -27.68 13.68 -3.63
CA ALA B 53 -28.56 13.27 -2.55
C ALA B 53 -28.09 13.82 -1.21
N GLN B 54 -26.77 13.86 -1.00
CA GLN B 54 -26.23 14.44 0.22
C GLN B 54 -26.60 15.91 0.34
N TYR B 55 -26.51 16.65 -0.77
CA TYR B 55 -26.84 18.06 -0.75
C TYR B 55 -28.30 18.30 -0.39
N TYR B 56 -29.18 17.40 -0.84
CA TYR B 56 -30.62 17.61 -0.76
C TYR B 56 -31.32 16.60 0.14
N GLY B 57 -30.64 16.10 1.17
CA GLY B 57 -31.31 15.14 2.05
C GLY B 57 -30.76 13.73 2.01
N LEU B 58 -31.49 12.84 1.32
CA LEU B 58 -31.28 11.39 1.38
C LEU B 58 -29.81 11.01 1.42
N LYS B 59 -29.50 10.04 2.27
CA LYS B 59 -28.13 9.59 2.49
C LYS B 59 -28.01 8.09 2.28
N MET B 60 -28.58 7.57 1.21
CA MET B 60 -28.52 6.13 0.96
C MET B 60 -27.08 5.69 0.67
N SER B 61 -26.83 4.41 0.93
CA SER B 61 -25.50 3.85 0.69
C SER B 61 -25.19 3.86 -0.81
N LEU B 62 -23.90 4.00 -1.11
CA LEU B 62 -23.49 4.06 -2.51
C LEU B 62 -23.76 2.73 -3.23
N ALA B 63 -23.62 1.61 -2.51
CA ALA B 63 -23.87 0.31 -3.13
C ALA B 63 -25.33 0.18 -3.57
N LYS B 64 -26.27 0.65 -2.74
CA LYS B 64 -27.67 0.62 -3.13
C LYS B 64 -27.93 1.54 -4.32
N ILE B 65 -27.32 2.72 -4.32
CA ILE B 65 -27.43 3.62 -5.47
C ILE B 65 -26.78 3.01 -6.69
N ARG B 66 -25.62 2.36 -6.49
CA ARG B 66 -24.91 1.76 -7.61
C ARG B 66 -25.76 0.72 -8.32
N GLU B 67 -26.45 -0.13 -7.55
CA GLU B 67 -27.35 -1.11 -8.15
C GLU B 67 -28.56 -0.44 -8.79
N MET B 68 -28.98 0.71 -8.25
CA MET B 68 -30.18 1.36 -8.76
C MET B 68 -29.96 2.00 -10.12
N THR B 69 -28.81 2.66 -10.30
CA THR B 69 -28.52 3.33 -11.57
C THR B 69 -27.76 2.43 -12.54
N GLY B 70 -28.25 1.20 -12.70
CA GLY B 70 -27.77 0.24 -13.69
C GLY B 70 -26.28 0.22 -13.95
N THR B 71 -25.47 0.30 -12.90
CA THR B 71 -24.02 0.36 -13.06
C THR B 71 -23.49 -0.99 -13.53
N ASP B 72 -22.66 -0.97 -14.55
CA ASP B 72 -22.05 -2.16 -15.12
C ASP B 72 -20.53 -2.09 -14.98
N THR B 73 -19.84 -3.06 -15.58
CA THR B 73 -18.38 -3.06 -15.58
C THR B 73 -17.84 -1.87 -16.34
N GLN B 74 -18.44 -1.54 -17.48
CA GLN B 74 -17.99 -0.39 -18.25
C GLN B 74 -18.30 0.93 -17.55
N GLY B 75 -19.49 1.03 -16.96
CA GLY B 75 -19.90 2.24 -16.27
C GLY B 75 -21.32 2.64 -16.59
N THR B 76 -21.79 3.73 -16.00
CA THR B 76 -23.15 4.21 -16.21
C THR B 76 -23.18 5.22 -17.35
N ASN B 77 -24.40 5.69 -17.65
CA ASN B 77 -24.61 6.70 -18.68
C ASN B 77 -25.68 7.67 -18.18
N ALA B 78 -26.00 8.66 -19.01
CA ALA B 78 -26.99 9.67 -18.62
C ALA B 78 -28.36 9.04 -18.39
N TYR B 79 -28.72 8.04 -19.19
CA TYR B 79 -29.99 7.36 -19.01
C TYR B 79 -30.08 6.72 -17.63
N GLY B 80 -29.00 6.07 -17.19
CA GLY B 80 -29.00 5.48 -15.87
C GLY B 80 -29.21 6.50 -14.77
N LEU B 81 -28.51 7.63 -14.86
CA LEU B 81 -28.65 8.66 -13.83
C LEU B 81 -30.04 9.26 -13.82
N ILE B 82 -30.63 9.51 -15.00
CA ILE B 82 -31.97 10.11 -15.01
C ILE B 82 -33.00 9.11 -14.49
N HIS B 83 -32.84 7.82 -14.85
CA HIS B 83 -33.75 6.81 -14.32
C HIS B 83 -33.64 6.72 -12.80
N ALA B 84 -32.41 6.72 -12.27
CA ALA B 84 -32.23 6.66 -10.83
C ALA B 84 -32.81 7.89 -10.14
N ALA B 85 -32.62 9.07 -10.75
CA ALA B 85 -33.19 10.28 -10.16
C ALA B 85 -34.70 10.23 -10.13
N LYS B 86 -35.32 9.73 -11.20
CA LYS B 86 -36.77 9.57 -11.19
C LYS B 86 -37.21 8.57 -10.13
N GLN B 87 -36.45 7.49 -9.96
CA GLN B 87 -36.80 6.49 -8.95
C GLN B 87 -36.71 7.07 -7.55
N LEU B 88 -35.65 7.84 -7.26
CA LEU B 88 -35.49 8.46 -5.95
C LEU B 88 -36.50 9.57 -5.69
N GLY B 89 -37.24 10.01 -6.70
CA GLY B 89 -38.21 11.07 -6.56
C GLY B 89 -37.82 12.38 -7.23
N PHE B 90 -36.58 12.51 -7.66
CA PHE B 90 -36.16 13.70 -8.38
C PHE B 90 -36.84 13.76 -9.74
N SER B 91 -37.18 14.98 -10.17
CA SER B 91 -37.77 15.22 -11.48
C SER B 91 -36.75 16.01 -12.29
N ALA B 92 -35.98 15.30 -13.12
CA ALA B 92 -34.93 15.94 -13.90
C ALA B 92 -35.07 15.62 -15.38
N LYS B 93 -34.09 16.02 -16.18
CA LYS B 93 -34.12 15.79 -17.61
C LYS B 93 -32.71 15.73 -18.19
N PHE B 106 -29.97 27.43 -16.02
CA PHE B 106 -29.79 26.14 -15.36
C PHE B 106 -29.68 26.31 -13.85
N ARG B 107 -30.12 25.30 -13.11
CA ARG B 107 -30.01 25.33 -11.67
C ARG B 107 -28.56 25.19 -11.24
N LEU B 108 -28.27 25.62 -10.01
CA LEU B 108 -26.90 25.60 -9.52
C LEU B 108 -26.29 24.21 -9.48
N PRO B 109 -26.91 23.19 -8.87
CA PRO B 109 -26.30 21.85 -8.89
C PRO B 109 -26.79 21.01 -10.06
N ALA B 110 -25.85 20.46 -10.82
CA ALA B 110 -26.18 19.57 -11.93
C ALA B 110 -24.96 18.74 -12.27
N ILE B 111 -25.20 17.56 -12.82
CA ILE B 111 -24.14 16.61 -13.16
C ILE B 111 -23.82 16.75 -14.63
N ALA B 112 -22.54 16.98 -14.94
CA ALA B 112 -22.08 17.14 -16.32
C ALA B 112 -21.04 16.06 -16.61
N ASN B 113 -21.20 15.39 -17.75
CA ASN B 113 -20.25 14.37 -18.16
C ASN B 113 -18.90 15.00 -18.49
N VAL B 114 -17.83 14.34 -18.05
CA VAL B 114 -16.46 14.80 -18.29
C VAL B 114 -15.73 13.73 -19.06
N ILE B 115 -15.11 14.11 -20.17
CA ILE B 115 -14.44 13.16 -21.04
C ILE B 115 -12.99 12.99 -20.63
N VAL B 116 -12.22 14.08 -20.71
CA VAL B 116 -10.76 13.99 -20.54
C VAL B 116 -10.47 14.20 -19.06
N ASP B 117 -10.67 13.15 -18.29
CA ASP B 117 -10.04 12.96 -16.99
C ASP B 117 -9.41 11.59 -16.85
N ASN B 118 -10.06 10.56 -17.38
CA ASN B 118 -9.57 9.19 -17.35
C ASN B 118 -10.31 8.42 -18.44
N ARG B 119 -10.19 7.09 -18.41
CA ARG B 119 -10.86 6.22 -19.37
C ARG B 119 -11.96 5.40 -18.71
N LEU B 120 -12.63 5.97 -17.71
CA LEU B 120 -13.66 5.26 -16.94
C LEU B 120 -14.96 6.05 -16.90
N ALA B 121 -15.16 6.96 -17.84
CA ALA B 121 -16.40 7.71 -17.98
C ALA B 121 -16.73 8.49 -16.70
N HIS B 122 -15.86 9.44 -16.38
CA HIS B 122 -16.06 10.26 -15.19
C HIS B 122 -17.27 11.18 -15.35
N PHE B 123 -17.95 11.41 -14.22
CA PHE B 123 -18.95 12.45 -14.10
C PHE B 123 -18.49 13.44 -13.04
N VAL B 124 -18.71 14.72 -13.29
CA VAL B 124 -18.34 15.77 -12.35
C VAL B 124 -19.53 16.70 -12.16
N VAL B 125 -19.93 16.89 -10.92
CA VAL B 125 -20.99 17.83 -10.60
C VAL B 125 -20.40 19.22 -10.48
N ILE B 126 -21.17 20.22 -10.87
CA ILE B 126 -20.72 21.62 -10.87
C ILE B 126 -21.43 22.36 -9.75
N TYR B 127 -20.66 23.06 -8.93
CA TYR B 127 -21.20 23.85 -7.84
C TYR B 127 -21.39 25.31 -8.24
N SER B 128 -20.31 25.98 -8.62
CA SER B 128 -20.36 27.38 -9.02
C SER B 128 -19.64 27.55 -10.34
N ILE B 129 -20.22 28.36 -11.22
CA ILE B 129 -19.66 28.59 -12.54
C ILE B 129 -20.18 29.90 -13.11
N ALA B 137 -17.40 19.01 -7.98
CA ALA B 137 -16.94 18.06 -6.98
C ALA B 137 -16.65 16.70 -7.59
N ASP B 138 -15.46 16.56 -8.15
CA ASP B 138 -15.07 15.31 -8.78
C ASP B 138 -14.78 14.28 -7.70
N PRO B 139 -15.49 13.14 -7.67
CA PRO B 139 -15.25 12.15 -6.61
C PRO B 139 -13.84 11.59 -6.59
N GLY B 140 -13.20 11.44 -7.75
CA GLY B 140 -11.87 10.85 -7.78
C GLY B 140 -10.79 11.74 -7.23
N LYS B 141 -11.01 13.05 -7.20
CA LYS B 141 -10.01 14.00 -6.72
C LYS B 141 -10.50 14.83 -5.54
N GLY B 142 -11.73 15.34 -5.59
CA GLY B 142 -12.24 16.13 -4.49
C GLY B 142 -13.07 17.32 -4.91
N ILE B 143 -12.67 18.51 -4.47
CA ILE B 143 -13.47 19.71 -4.66
C ILE B 143 -12.80 20.74 -5.57
N VAL B 144 -11.51 20.61 -5.87
CA VAL B 144 -10.76 21.66 -6.55
C VAL B 144 -11.47 22.09 -7.82
N ARG B 145 -11.64 23.40 -7.96
CA ARG B 145 -12.46 23.94 -9.04
C ARG B 145 -11.71 23.89 -10.37
N TYR B 146 -12.48 23.80 -11.45
CA TYR B 146 -11.96 23.83 -12.81
C TYR B 146 -12.44 25.05 -13.59
N SER B 147 -13.74 25.34 -13.54
CA SER B 147 -14.32 26.41 -14.35
C SER B 147 -13.74 27.77 -14.00
N MET B 148 -13.99 28.25 -12.78
CA MET B 148 -13.53 29.55 -12.33
C MET B 148 -13.88 30.65 -13.33
N ASP B 149 -15.19 30.85 -13.48
CA ASP B 149 -15.75 31.78 -14.47
C ASP B 149 -15.43 31.30 -15.89
N ASP B 150 -15.85 30.07 -16.19
CA ASP B 150 -15.77 29.45 -17.51
C ASP B 150 -14.34 29.06 -17.87
N PHE B 151 -14.12 27.79 -18.12
CA PHE B 151 -12.85 27.26 -18.59
C PHE B 151 -13.01 26.41 -19.85
N CYS B 152 -14.11 25.66 -19.95
CA CYS B 152 -14.57 25.02 -21.18
C CYS B 152 -13.51 24.08 -21.77
N SER B 153 -13.20 23.04 -21.01
CA SER B 153 -12.32 21.98 -21.48
C SER B 153 -12.87 20.58 -21.25
N ILE B 154 -13.83 20.43 -20.33
CA ILE B 154 -14.36 19.11 -19.96
C ILE B 154 -15.87 19.11 -20.13
N TRP B 155 -16.44 20.27 -20.43
CA TRP B 155 -17.88 20.41 -20.63
C TRP B 155 -18.31 19.99 -22.04
N THR B 156 -17.36 19.65 -22.91
CA THR B 156 -17.68 19.37 -24.31
C THR B 156 -18.74 18.28 -24.45
N GLY B 157 -18.82 17.36 -23.48
CA GLY B 157 -19.92 16.42 -23.47
C GLY B 157 -21.26 17.11 -23.39
N GLY B 158 -21.35 18.17 -22.59
CA GLY B 158 -22.58 18.93 -22.49
C GLY B 158 -23.75 18.12 -21.99
N LEU B 159 -23.53 17.30 -20.98
CA LEU B 159 -24.55 16.40 -20.45
C LEU B 159 -25.09 16.89 -19.11
N VAL B 160 -25.23 18.21 -18.96
CA VAL B 160 -25.87 18.76 -17.77
C VAL B 160 -27.32 18.30 -17.76
N LEU B 161 -27.68 17.50 -16.77
CA LEU B 161 -28.97 16.82 -16.83
C LEU B 161 -29.82 16.96 -15.58
N LEU B 162 -29.21 16.95 -14.40
CA LEU B 162 -29.94 16.70 -13.17
C LEU B 162 -30.45 18.00 -12.54
N GLU B 163 -31.70 17.95 -12.09
CA GLU B 163 -32.30 19.02 -11.30
C GLU B 163 -33.18 18.39 -10.24
N PRO B 164 -33.38 19.06 -9.10
CA PRO B 164 -34.26 18.50 -8.06
C PRO B 164 -35.73 18.59 -8.45
N GLY B 165 -36.62 18.21 -7.53
CA GLY B 165 -38.03 18.24 -7.84
C GLY B 165 -38.96 17.99 -6.67
N GLU B 166 -40.01 17.20 -6.91
CA GLU B 166 -41.05 16.98 -5.92
C GLU B 166 -40.47 16.30 -4.67
N ALA B 167 -41.19 16.47 -3.56
CA ALA B 167 -40.73 15.95 -2.28
C ALA B 167 -40.51 14.44 -2.34
N PHE B 168 -39.41 13.99 -1.73
CA PHE B 168 -38.94 12.62 -1.87
C PHE B 168 -38.67 12.00 -0.50
N GLN B 169 -39.38 12.44 0.53
CA GLN B 169 -39.24 11.91 1.89
C GLN B 169 -37.79 12.04 2.37
N LYS B 170 -37.35 13.30 2.51
CA LYS B 170 -35.99 13.56 2.93
C LYS B 170 -35.71 12.96 4.30
N GLY B 171 -34.51 12.43 4.45
CA GLY B 171 -34.09 11.82 5.70
C GLY B 171 -33.01 10.79 5.47
N ASP B 172 -32.24 10.53 6.52
CA ASP B 172 -31.15 9.58 6.44
C ASP B 172 -31.67 8.15 6.24
N TYR B 173 -31.04 7.42 5.33
CA TYR B 173 -31.44 6.05 5.01
C TYR B 173 -30.32 5.05 5.29
N THR B 174 -29.23 5.46 5.89
CA THR B 174 -28.09 4.60 6.18
C THR B 174 -27.89 4.50 7.68
N GLN B 175 -26.80 3.86 8.08
CA GLN B 175 -26.53 3.52 9.47
C GLN B 175 -25.28 4.24 9.97
N ASN B 176 -24.83 3.84 11.15
CA ASN B 176 -23.59 4.32 11.76
C ASN B 176 -22.63 3.14 11.76
N MET B 177 -22.55 2.51 10.59
CA MET B 177 -22.09 1.13 10.42
C MET B 177 -20.81 0.80 11.16
N MET B 178 -20.00 1.80 11.54
CA MET B 178 -18.82 1.50 12.34
C MET B 178 -19.18 0.81 13.65
N VAL B 179 -20.33 1.15 14.23
CA VAL B 179 -20.75 0.50 15.47
C VAL B 179 -21.05 -0.97 15.23
N LYS B 180 -21.58 -1.31 14.05
CA LYS B 180 -21.88 -2.70 13.77
C LYS B 180 -20.62 -3.57 13.78
N PHE B 181 -19.53 -3.06 13.18
CA PHE B 181 -18.28 -3.80 13.21
C PHE B 181 -17.65 -3.77 14.60
N ALA B 182 -17.78 -2.64 15.31
CA ALA B 182 -17.25 -2.55 16.66
C ALA B 182 -17.99 -3.47 17.62
N GLY B 183 -19.19 -3.93 17.25
CA GLY B 183 -19.94 -4.85 18.08
C GLY B 183 -19.34 -6.25 18.15
N PHE B 184 -18.30 -6.52 17.38
CA PHE B 184 -17.60 -7.80 17.49
C PHE B 184 -16.80 -7.93 18.78
N LEU B 185 -16.64 -6.85 19.54
CA LEU B 185 -15.99 -6.93 20.84
C LEU B 185 -16.89 -7.50 21.92
N LYS B 186 -18.21 -7.49 21.70
CA LYS B 186 -19.14 -8.03 22.70
C LYS B 186 -18.94 -9.53 22.95
N PRO B 187 -18.84 -10.40 21.94
CA PRO B 187 -18.68 -11.83 22.23
C PRO B 187 -17.39 -12.18 22.97
N LEU B 188 -16.36 -11.34 22.90
CA LEU B 188 -15.13 -11.55 23.65
C LEU B 188 -14.78 -10.25 24.38
N LYS B 189 -15.30 -10.12 25.60
CA LYS B 189 -15.00 -8.97 26.44
C LYS B 189 -13.99 -9.28 27.53
N LYS B 190 -13.74 -10.55 27.82
CA LYS B 190 -12.72 -10.91 28.79
C LYS B 190 -11.33 -10.50 28.32
N THR B 191 -11.04 -10.70 27.03
CA THR B 191 -9.74 -10.34 26.50
C THR B 191 -9.49 -8.85 26.61
N VAL B 192 -10.49 -8.03 26.30
CA VAL B 192 -10.33 -6.59 26.41
C VAL B 192 -10.05 -6.20 27.86
N LEU B 193 -10.78 -6.81 28.80
CA LEU B 193 -10.57 -6.48 30.21
C LEU B 193 -9.18 -6.87 30.67
N CYS B 194 -8.69 -8.04 30.24
CA CYS B 194 -7.33 -8.44 30.60
C CYS B 194 -6.30 -7.48 30.02
N ILE B 195 -6.51 -7.04 28.78
CA ILE B 195 -5.60 -6.09 28.17
C ILE B 195 -5.60 -4.78 28.95
N PHE B 196 -6.79 -4.31 29.35
CA PHE B 196 -6.86 -3.07 30.11
C PHE B 196 -6.17 -3.19 31.46
N LEU B 197 -6.37 -4.30 32.16
CA LEU B 197 -5.70 -4.48 33.45
C LEU B 197 -4.19 -4.54 33.29
N ALA B 198 -3.72 -5.26 32.27
CA ALA B 198 -2.28 -5.33 32.01
C ALA B 198 -1.72 -3.95 31.69
N SER B 199 -2.45 -3.15 30.92
CA SER B 199 -2.00 -1.80 30.60
C SER B 199 -1.94 -0.93 31.86
N LEU B 200 -2.93 -1.03 32.73
CA LEU B 200 -2.92 -0.22 33.95
C LEU B 200 -1.73 -0.59 34.84
N LEU B 201 -1.50 -1.89 35.01
CA LEU B 201 -0.34 -2.30 35.81
C LEU B 201 0.96 -1.88 35.14
N TYR B 202 1.02 -1.94 33.81
CA TYR B 202 2.21 -1.50 33.09
C TYR B 202 2.50 -0.03 33.34
N THR B 203 1.45 0.81 33.31
CA THR B 203 1.65 2.23 33.60
C THR B 203 2.08 2.45 35.04
N ALA B 204 1.45 1.77 35.99
CA ALA B 204 1.86 1.95 37.38
C ALA B 204 3.32 1.59 37.55
N LEU B 205 3.75 0.46 36.98
CA LEU B 205 5.15 0.06 37.08
C LEU B 205 6.07 1.07 36.40
N GLY B 206 5.70 1.56 35.22
CA GLY B 206 6.57 2.50 34.52
C GLY B 206 6.72 3.81 35.25
N ILE B 207 5.62 4.37 35.75
CA ILE B 207 5.69 5.63 36.48
C ILE B 207 6.47 5.46 37.77
N ALA B 208 6.27 4.35 38.47
CA ALA B 208 7.05 4.10 39.69
C ALA B 208 8.53 3.98 39.36
N GLY B 209 8.86 3.29 38.26
CA GLY B 209 10.25 3.08 37.91
C GLY B 209 10.95 4.29 37.34
N SER B 210 10.19 5.28 36.86
CA SER B 210 10.80 6.50 36.34
C SER B 210 11.33 7.43 37.42
N PHE B 211 11.00 7.18 38.68
CA PHE B 211 11.53 7.97 39.80
C PHE B 211 12.89 7.47 40.25
N TYR B 212 13.50 6.55 39.50
CA TYR B 212 14.81 6.04 39.88
C TYR B 212 15.84 7.15 39.93
N ILE B 213 15.85 8.02 38.93
CA ILE B 213 16.86 9.06 38.88
C ILE B 213 16.65 10.07 40.01
N LYS B 214 15.39 10.37 40.34
CA LYS B 214 15.13 11.27 41.46
C LYS B 214 15.57 10.67 42.77
N PHE B 215 15.25 9.40 43.02
CA PHE B 215 15.72 8.75 44.24
C PHE B 215 17.23 8.67 44.27
N LEU B 216 17.86 8.59 43.11
CA LEU B 216 19.32 8.48 43.05
C LEU B 216 19.98 9.81 43.37
N PHE B 217 19.45 10.91 42.82
CA PHE B 217 20.12 12.20 42.92
C PHE B 217 19.72 12.99 44.14
N ASP B 218 18.49 12.86 44.63
CA ASP B 218 18.08 13.62 45.81
C ASP B 218 18.67 13.04 47.09
N ASP B 219 18.75 11.72 47.19
CA ASP B 219 19.14 11.07 48.43
C ASP B 219 20.41 10.27 48.33
N LEU B 220 20.57 9.46 47.28
CA LEU B 220 21.67 8.50 47.23
C LEU B 220 22.98 9.11 46.72
N ILE B 221 22.99 10.38 46.35
CA ILE B 221 24.18 11.07 45.89
C ILE B 221 24.63 12.13 46.89
N LYS B 222 23.75 13.08 47.20
CA LYS B 222 24.11 14.18 48.09
C LYS B 222 24.30 13.70 49.52
N PHE B 223 23.71 12.58 49.88
CA PHE B 223 23.60 12.08 51.24
C PHE B 223 24.17 10.67 51.33
N GLU B 224 25.41 10.51 50.88
CA GLU B 224 26.01 9.23 50.48
C GLU B 224 25.55 8.02 51.28
N LYS B 225 25.00 7.03 50.59
CA LYS B 225 24.43 5.82 51.16
C LYS B 225 24.87 4.59 50.36
N LEU B 226 26.18 4.42 50.18
CA LEU B 226 26.66 3.33 49.33
C LEU B 226 26.53 1.98 50.03
N ASN B 227 25.35 1.70 50.53
CA ASN B 227 24.94 0.40 51.08
C ASN B 227 23.60 -0.05 50.53
N ASP B 228 22.66 0.88 50.34
CA ASP B 228 21.35 0.56 49.81
C ASP B 228 21.18 0.97 48.35
N LEU B 229 22.21 1.55 47.74
CA LEU B 229 22.14 1.83 46.31
C LEU B 229 21.96 0.55 45.51
N HIS B 230 22.69 -0.50 45.88
CA HIS B 230 22.53 -1.79 45.21
C HIS B 230 21.13 -2.35 45.43
N ILE B 231 20.58 -2.19 46.63
CA ILE B 231 19.24 -2.68 46.92
C ILE B 231 18.22 -1.97 46.04
N ILE B 232 18.31 -0.64 45.95
CA ILE B 232 17.35 0.10 45.15
C ILE B 232 17.52 -0.19 43.67
N SER B 233 18.76 -0.37 43.21
CA SER B 233 18.99 -0.73 41.81
C SER B 233 18.38 -2.08 41.49
N ALA B 234 18.55 -3.07 42.37
CA ALA B 234 17.93 -4.37 42.15
C ALA B 234 16.41 -4.25 42.14
N GLY B 235 15.86 -3.45 43.05
CA GLY B 235 14.41 -3.27 43.08
C GLY B 235 13.87 -2.67 41.80
N PHE B 236 14.54 -1.64 41.28
CA PHE B 236 14.05 -1.02 40.06
C PHE B 236 14.29 -1.90 38.84
N ALA B 237 15.34 -2.71 38.84
CA ALA B 237 15.51 -3.70 37.79
C ALA B 237 14.37 -4.73 37.82
N VAL B 238 13.97 -5.16 39.02
CA VAL B 238 12.85 -6.09 39.14
C VAL B 238 11.56 -5.44 38.64
N ILE B 239 11.33 -4.18 38.99
CA ILE B 239 10.14 -3.48 38.50
C ILE B 239 10.16 -3.44 36.98
N PHE B 240 11.31 -3.14 36.38
CA PHE B 240 11.37 -3.07 34.93
C PHE B 240 11.13 -4.44 34.29
N LEU B 241 11.67 -5.51 34.90
CA LEU B 241 11.44 -6.84 34.35
C LEU B 241 9.96 -7.22 34.39
N LEU B 242 9.28 -6.91 35.49
CA LEU B 242 7.84 -7.15 35.55
C LEU B 242 7.10 -6.31 34.52
N GLN B 243 7.54 -5.07 34.30
CA GLN B 243 6.94 -4.24 33.28
C GLN B 243 7.08 -4.88 31.90
N ILE B 244 8.25 -5.42 31.60
CA ILE B 244 8.46 -6.05 30.30
C ILE B 244 7.62 -7.31 30.16
N PHE B 245 7.50 -8.10 31.23
CA PHE B 245 6.65 -9.29 31.13
C PHE B 245 5.19 -8.89 30.88
N LEU B 246 4.72 -7.85 31.55
CA LEU B 246 3.35 -7.39 31.31
C LEU B 246 3.18 -6.91 29.88
N ASN B 247 4.20 -6.23 29.34
CA ASN B 247 4.13 -5.81 27.94
C ASN B 247 4.03 -7.02 27.01
N TYR B 248 4.81 -8.07 27.30
CA TYR B 248 4.77 -9.29 26.49
C TYR B 248 3.38 -9.92 26.51
N TYR B 249 2.79 -10.03 27.71
CA TYR B 249 1.47 -10.64 27.84
C TYR B 249 0.40 -9.81 27.15
N ARG B 250 0.45 -8.48 27.31
CA ARG B 250 -0.50 -7.61 26.64
C ARG B 250 -0.37 -7.71 25.12
N SER B 251 0.86 -7.80 24.62
CA SER B 251 1.06 -7.95 23.17
C SER B 251 0.47 -9.25 22.67
N ILE B 252 0.65 -10.34 23.42
CA ILE B 252 0.06 -11.61 23.02
C ILE B 252 -1.46 -11.49 22.91
N LEU B 253 -2.09 -10.89 23.93
CA LEU B 253 -3.54 -10.77 23.90
C LEU B 253 -4.00 -9.88 22.75
N VAL B 254 -3.30 -8.77 22.51
CA VAL B 254 -3.70 -7.87 21.42
C VAL B 254 -3.61 -8.57 20.08
N THR B 255 -2.53 -9.33 19.86
CA THR B 255 -2.38 -10.04 18.59
C THR B 255 -3.49 -11.07 18.42
N LYS B 256 -3.81 -11.83 19.46
CA LYS B 256 -4.87 -12.83 19.34
C LYS B 256 -6.21 -12.17 19.05
N LEU B 257 -6.50 -11.04 19.72
CA LEU B 257 -7.75 -10.34 19.48
C LEU B 257 -7.83 -9.80 18.06
N GLY B 258 -6.72 -9.26 17.54
CA GLY B 258 -6.71 -8.80 16.16
C GLY B 258 -6.95 -9.93 15.17
N MET B 259 -6.33 -11.09 15.41
CA MET B 259 -6.57 -12.23 14.55
C MET B 259 -8.03 -12.65 14.58
N SER B 260 -8.64 -12.68 15.76
CA SER B 260 -10.06 -13.05 15.84
C SER B 260 -10.94 -12.07 15.09
N ILE B 261 -10.68 -10.77 15.24
CA ILE B 261 -11.49 -9.77 14.52
C ILE B 261 -11.34 -9.96 13.02
N ASP B 262 -10.10 -10.13 12.55
CA ASP B 262 -9.87 -10.36 11.12
C ASP B 262 -10.68 -11.54 10.62
N LYS B 263 -10.54 -12.69 11.29
CA LYS B 263 -11.22 -13.88 10.79
C LYS B 263 -12.73 -13.67 10.79
N SER B 264 -13.27 -13.07 11.85
CA SER B 264 -14.72 -12.89 11.93
C SER B 264 -15.23 -12.02 10.79
N ILE B 265 -14.61 -10.84 10.58
CA ILE B 265 -15.11 -9.93 9.55
C ILE B 265 -14.92 -10.54 8.17
N MET B 266 -13.76 -11.14 7.91
CA MET B 266 -13.49 -11.74 6.61
C MET B 266 -14.51 -12.82 6.29
N MET B 267 -14.78 -13.73 7.24
CA MET B 267 -15.72 -14.81 6.98
C MET B 267 -17.15 -14.29 6.81
N GLU B 268 -17.57 -13.33 7.63
CA GLU B 268 -18.91 -12.79 7.46
C GLU B 268 -19.07 -12.16 6.07
N TYR B 269 -18.09 -11.36 5.65
CA TYR B 269 -18.17 -10.74 4.34
C TYR B 269 -18.20 -11.78 3.23
N TYR B 270 -17.35 -12.80 3.32
CA TYR B 270 -17.32 -13.82 2.26
C TYR B 270 -18.63 -14.58 2.19
N SER B 271 -19.21 -14.92 3.34
CA SER B 271 -20.50 -15.61 3.34
C SER B 271 -21.56 -14.75 2.66
N HIS B 272 -21.61 -13.46 3.00
CA HIS B 272 -22.64 -12.62 2.39
C HIS B 272 -22.39 -12.44 0.89
N VAL B 273 -21.13 -12.37 0.46
CA VAL B 273 -20.87 -12.30 -0.97
C VAL B 273 -21.36 -13.55 -1.68
N LEU B 274 -21.07 -14.72 -1.12
CA LEU B 274 -21.55 -15.94 -1.75
C LEU B 274 -23.07 -16.05 -1.70
N LYS B 275 -23.73 -15.33 -0.80
CA LYS B 275 -25.19 -15.37 -0.74
C LYS B 275 -25.87 -14.34 -1.63
N LEU B 276 -25.12 -13.42 -2.27
CA LEU B 276 -25.71 -12.38 -3.08
C LEU B 276 -26.17 -12.90 -4.44
N PRO B 277 -27.14 -12.24 -5.09
CA PRO B 277 -27.60 -12.73 -6.40
C PRO B 277 -26.58 -12.53 -7.50
N MET B 278 -26.93 -12.95 -8.73
CA MET B 278 -25.97 -12.96 -9.82
C MET B 278 -25.69 -11.57 -10.38
N ASN B 279 -26.65 -10.65 -10.30
CA ASN B 279 -26.43 -9.31 -10.83
C ASN B 279 -25.29 -8.60 -10.11
N PHE B 280 -25.11 -8.88 -8.82
CA PHE B 280 -23.98 -8.32 -8.09
C PHE B 280 -22.66 -8.77 -8.69
N PHE B 281 -22.55 -10.05 -9.05
CA PHE B 281 -21.32 -10.56 -9.64
C PHE B 281 -21.13 -10.03 -11.06
N ASN B 282 -22.23 -9.88 -11.81
CA ASN B 282 -22.12 -9.34 -13.17
C ASN B 282 -21.68 -7.90 -13.16
N SER B 283 -22.17 -7.10 -12.21
CA SER B 283 -21.88 -5.67 -12.21
C SER B 283 -20.41 -5.39 -11.98
N ARG B 284 -19.78 -6.11 -11.06
CA ARG B 284 -18.41 -5.82 -10.64
C ARG B 284 -17.44 -6.89 -11.14
N LYS B 285 -16.16 -6.57 -11.04
CA LYS B 285 -15.09 -7.49 -11.39
C LYS B 285 -14.66 -8.27 -10.15
N VAL B 286 -13.53 -8.96 -10.24
CA VAL B 286 -13.03 -9.72 -9.10
C VAL B 286 -12.10 -8.88 -8.23
N GLY B 287 -11.40 -7.91 -8.84
CA GLY B 287 -10.49 -7.07 -8.08
C GLY B 287 -11.20 -6.25 -7.02
N GLU B 288 -12.38 -5.71 -7.34
CA GLU B 288 -13.13 -4.96 -6.34
C GLU B 288 -13.52 -5.84 -5.16
N ILE B 289 -13.98 -7.06 -5.44
CA ILE B 289 -14.37 -7.97 -4.37
C ILE B 289 -13.18 -8.33 -3.50
N ILE B 290 -12.02 -8.56 -4.12
CA ILE B 290 -10.83 -8.90 -3.33
C ILE B 290 -10.38 -7.71 -2.49
N SER B 291 -10.48 -6.49 -3.02
CA SER B 291 -10.13 -5.32 -2.23
C SER B 291 -11.06 -5.16 -1.03
N ARG B 292 -12.36 -5.34 -1.26
CA ARG B 292 -13.30 -5.31 -0.15
C ARG B 292 -12.98 -6.39 0.87
N PHE B 293 -12.51 -7.55 0.40
CA PHE B 293 -12.11 -8.63 1.29
C PHE B 293 -10.92 -8.22 2.14
N MET B 294 -9.98 -7.49 1.54
CA MET B 294 -8.79 -7.04 2.27
C MET B 294 -9.05 -5.88 3.20
N ASP B 295 -10.16 -5.14 3.02
CA ASP B 295 -10.46 -4.01 3.91
C ASP B 295 -10.73 -4.44 5.35
N ALA B 296 -10.93 -5.73 5.60
CA ALA B 296 -11.14 -6.20 6.97
C ALA B 296 -9.95 -5.89 7.86
N SER B 297 -8.74 -5.90 7.30
CA SER B 297 -7.57 -5.55 8.09
C SER B 297 -7.64 -4.11 8.59
N LYS B 298 -8.06 -3.19 7.70
CA LYS B 298 -8.20 -1.80 8.12
C LYS B 298 -9.31 -1.65 9.14
N ILE B 299 -10.41 -2.38 8.98
CA ILE B 299 -11.49 -2.30 9.97
C ILE B 299 -11.01 -2.77 11.34
N ARG B 300 -10.26 -3.88 11.36
CA ARG B 300 -9.70 -4.37 12.61
C ARG B 300 -8.75 -3.37 13.22
N GLN B 301 -7.88 -2.78 12.40
CA GLN B 301 -6.95 -1.79 12.92
C GLN B 301 -7.70 -0.66 13.60
N ALA B 302 -8.71 -0.12 12.92
CA ALA B 302 -9.55 0.90 13.54
C ALA B 302 -10.08 0.42 14.89
N ILE B 303 -10.89 -0.64 14.88
CA ILE B 303 -11.57 -1.07 16.10
C ILE B 303 -10.55 -1.28 17.21
N SER B 304 -9.67 -2.25 17.04
CA SER B 304 -8.74 -2.62 18.10
C SER B 304 -7.83 -1.46 18.48
N GLY B 305 -6.99 -1.00 17.56
CA GLY B 305 -6.00 0.00 17.91
C GLY B 305 -6.63 1.28 18.40
N ALA B 306 -7.61 1.81 17.65
CA ALA B 306 -8.23 3.06 18.03
C ALA B 306 -8.89 2.97 19.40
N THR B 307 -9.74 1.97 19.63
CA THR B 307 -10.44 1.89 20.91
C THR B 307 -9.46 1.71 22.06
N LEU B 308 -8.58 0.72 21.96
CA LEU B 308 -7.65 0.44 23.05
C LEU B 308 -6.75 1.63 23.33
N THR B 309 -6.20 2.24 22.27
CA THR B 309 -5.32 3.38 22.46
C THR B 309 -6.08 4.57 23.04
N ILE B 310 -7.31 4.81 22.58
CA ILE B 310 -8.07 5.94 23.10
C ILE B 310 -8.25 5.80 24.61
N MET B 311 -8.77 4.65 25.06
CA MET B 311 -8.99 4.51 26.50
C MET B 311 -7.67 4.55 27.28
N ILE B 312 -6.70 3.74 26.86
CA ILE B 312 -5.45 3.62 27.60
C ILE B 312 -4.74 4.96 27.66
N ASP B 313 -4.58 5.63 26.51
CA ASP B 313 -3.83 6.86 26.47
C ASP B 313 -4.60 8.03 27.10
N THR B 314 -5.94 7.99 27.11
CA THR B 314 -6.66 9.00 27.86
C THR B 314 -6.35 8.87 29.35
N ILE B 315 -6.38 7.63 29.87
CA ILE B 315 -6.04 7.43 31.27
C ILE B 315 -4.58 7.83 31.52
N MET B 316 -3.70 7.50 30.57
CA MET B 316 -2.28 7.81 30.71
C MET B 316 -2.06 9.31 30.77
N ALA B 317 -2.70 10.06 29.86
CA ALA B 317 -2.53 11.50 29.84
C ALA B 317 -3.11 12.13 31.11
N VAL B 318 -4.25 11.63 31.58
CA VAL B 318 -4.82 12.19 32.81
C VAL B 318 -3.86 12.00 33.98
N ILE B 319 -3.37 10.77 34.15
CA ILE B 319 -2.47 10.49 35.27
C ILE B 319 -1.18 11.28 35.13
N GLY B 320 -0.60 11.31 33.92
CA GLY B 320 0.64 12.03 33.73
C GLY B 320 0.49 13.51 33.97
N GLY B 321 -0.59 14.12 33.48
CA GLY B 321 -0.83 15.52 33.76
C GLY B 321 -1.00 15.79 35.24
N ILE B 322 -1.69 14.89 35.95
CA ILE B 322 -1.84 15.07 37.39
C ILE B 322 -0.48 15.07 38.07
N LEU B 323 0.37 14.10 37.75
CA LEU B 323 1.68 14.03 38.41
C LEU B 323 2.58 15.20 38.03
N LEU B 324 2.55 15.64 36.77
CA LEU B 324 3.36 16.81 36.41
C LEU B 324 2.86 18.06 37.11
N TYR B 325 1.55 18.22 37.25
CA TYR B 325 1.02 19.37 37.97
C TYR B 325 1.44 19.32 39.43
N ILE B 326 1.45 18.12 40.03
CA ILE B 326 1.92 18.00 41.41
C ILE B 326 3.39 18.35 41.52
N GLN B 327 4.20 17.88 40.57
CA GLN B 327 5.64 18.15 40.63
C GLN B 327 5.94 19.63 40.47
N ASN B 328 5.41 20.26 39.42
CA ASN B 328 5.64 21.68 39.18
C ASN B 328 4.64 22.22 38.16
N SER B 329 4.02 23.36 38.46
CA SER B 329 2.99 23.89 37.58
C SER B 329 3.58 24.46 36.30
N SER B 330 4.68 25.23 36.42
CA SER B 330 5.24 25.89 35.25
C SER B 330 5.78 24.89 34.23
N LEU B 331 6.48 23.85 34.69
CA LEU B 331 7.00 22.85 33.78
C LEU B 331 5.86 22.08 33.10
N PHE B 332 4.78 21.80 33.84
CA PHE B 332 3.63 21.15 33.22
C PHE B 332 2.99 22.05 32.17
N PHE B 333 2.90 23.35 32.45
CA PHE B 333 2.34 24.27 31.47
C PHE B 333 3.19 24.30 30.20
N ILE B 334 4.52 24.31 30.36
CA ILE B 334 5.39 24.26 29.19
C ILE B 334 5.18 22.96 28.42
N SER B 335 5.04 21.84 29.13
CA SER B 335 4.79 20.57 28.46
C SER B 335 3.49 20.59 27.67
N PHE B 336 2.44 21.16 28.27
CA PHE B 336 1.16 21.26 27.57
C PHE B 336 1.28 22.13 26.34
N ILE B 337 2.04 23.22 26.43
CA ILE B 337 2.26 24.07 25.26
C ILE B 337 2.98 23.28 24.17
N ILE B 338 3.98 22.48 24.55
CA ILE B 338 4.71 21.69 23.57
C ILE B 338 3.77 20.72 22.86
N ILE B 339 2.94 20.01 23.62
CA ILE B 339 2.08 19.02 22.99
C ILE B 339 1.00 19.68 22.15
N LEU B 340 0.52 20.85 22.57
CA LEU B 340 -0.47 21.57 21.78
C LEU B 340 0.13 22.04 20.45
N LEU B 341 1.37 22.54 20.49
CA LEU B 341 2.04 22.93 19.25
C LEU B 341 2.26 21.74 18.33
N TYR B 342 2.66 20.59 18.89
CA TYR B 342 2.81 19.40 18.08
C TYR B 342 1.49 19.00 17.45
N GLY B 343 0.40 19.06 18.22
CA GLY B 343 -0.89 18.73 17.66
C GLY B 343 -1.33 19.65 16.54
N ILE B 344 -1.07 20.95 16.69
CA ILE B 344 -1.39 21.89 15.62
C ILE B 344 -0.57 21.60 14.38
N ILE B 345 0.73 21.32 14.55
CA ILE B 345 1.60 21.15 13.40
C ILE B 345 1.27 19.86 12.66
N VAL B 346 1.01 18.77 13.37
CA VAL B 346 0.74 17.50 12.71
C VAL B 346 -0.60 17.55 11.98
N THR B 347 -1.60 18.20 12.58
CA THR B 347 -2.94 18.19 11.99
C THR B 347 -2.96 18.89 10.63
N VAL B 348 -2.27 20.03 10.50
CA VAL B 348 -2.38 20.81 9.28
C VAL B 348 -1.68 20.15 8.10
N PHE B 349 -0.77 19.21 8.33
CA PHE B 349 -0.04 18.59 7.24
C PHE B 349 -0.67 17.30 6.74
N ASN B 350 -1.71 16.79 7.41
CA ASN B 350 -2.28 15.51 7.01
C ASN B 350 -2.92 15.59 5.62
N LYS B 351 -3.65 16.66 5.33
CA LYS B 351 -4.30 16.72 4.03
C LYS B 351 -3.32 17.03 2.89
N PRO B 352 -2.29 17.88 3.07
CA PRO B 352 -1.27 17.93 2.01
C PRO B 352 -0.55 16.62 1.80
N ILE B 353 -0.28 15.87 2.88
CA ILE B 353 0.35 14.57 2.72
C ILE B 353 -0.56 13.63 1.94
N GLN B 354 -1.85 13.63 2.25
CA GLN B 354 -2.79 12.77 1.53
C GLN B 354 -2.88 13.15 0.06
N ASN B 355 -2.93 14.45 -0.23
CA ASN B 355 -3.00 14.88 -1.63
C ASN B 355 -1.75 14.48 -2.40
N ALA B 356 -0.57 14.66 -1.79
CA ALA B 356 0.66 14.24 -2.46
C ALA B 356 0.68 12.73 -2.67
N ASN B 357 0.20 11.96 -1.69
CA ASN B 357 0.15 10.51 -1.86
C ASN B 357 -0.79 10.11 -2.99
N ARG B 358 -1.94 10.78 -3.09
CA ARG B 358 -2.87 10.49 -4.18
C ARG B 358 -2.25 10.81 -5.53
N GLN B 359 -1.54 11.93 -5.63
CA GLN B 359 -0.86 12.27 -6.87
C GLN B 359 0.21 11.23 -7.21
N ILE B 360 0.94 10.75 -6.20
CA ILE B 360 1.92 9.69 -6.43
C ILE B 360 1.24 8.45 -6.99
N MET B 361 0.12 8.05 -6.38
CA MET B 361 -0.56 6.85 -6.84
C MET B 361 -1.03 7.00 -8.28
N GLU B 362 -1.60 8.16 -8.61
CA GLU B 362 -2.08 8.39 -9.98
C GLU B 362 -0.94 8.36 -10.99
N ASP B 363 0.15 9.06 -10.69
CA ASP B 363 1.27 9.11 -11.63
C ASP B 363 1.92 7.74 -11.79
N ASN B 364 2.06 6.99 -10.69
CA ASN B 364 2.62 5.65 -10.79
C ASN B 364 1.72 4.73 -11.60
N ALA B 365 0.40 4.86 -11.43
CA ALA B 365 -0.51 4.06 -12.22
C ALA B 365 -0.37 4.37 -13.70
N LYS B 366 -0.26 5.65 -14.05
CA LYS B 366 -0.06 6.01 -15.45
C LYS B 366 1.26 5.46 -16.00
N LEU B 367 2.33 5.54 -15.20
CA LEU B 367 3.61 5.01 -15.65
C LEU B 367 3.55 3.50 -15.86
N THR B 368 2.94 2.77 -14.94
CA THR B 368 2.84 1.32 -15.08
C THR B 368 1.98 0.95 -16.29
N SER B 369 0.89 1.68 -16.51
CA SER B 369 0.07 1.44 -17.69
C SER B 369 0.87 1.65 -18.96
N ALA B 370 1.67 2.72 -19.01
CA ALA B 370 2.49 2.98 -20.19
C ALA B 370 3.53 1.88 -20.39
N LEU B 371 4.15 1.41 -19.31
CA LEU B 371 5.15 0.35 -19.44
C LEU B 371 4.53 -0.93 -19.96
N VAL B 372 3.35 -1.30 -19.44
CA VAL B 372 2.70 -2.52 -19.90
C VAL B 372 2.27 -2.37 -21.36
N GLU B 373 1.73 -1.21 -21.72
CA GLU B 373 1.33 -0.98 -23.11
C GLU B 373 2.52 -1.01 -24.05
N SER B 374 3.69 -0.60 -23.57
CA SER B 374 4.89 -0.66 -24.40
C SER B 374 5.40 -2.09 -24.54
N VAL B 375 5.42 -2.86 -23.44
CA VAL B 375 5.91 -4.22 -23.51
C VAL B 375 4.97 -5.10 -24.34
N LYS B 376 3.68 -5.02 -24.07
CA LYS B 376 2.68 -5.71 -24.87
C LYS B 376 2.59 -4.98 -26.19
N GLY B 377 3.20 -5.53 -27.23
CA GLY B 377 3.28 -4.82 -28.51
C GLY B 377 4.69 -4.39 -28.82
N ILE B 378 5.66 -4.96 -28.11
CA ILE B 378 7.06 -4.70 -28.41
C ILE B 378 7.37 -5.10 -29.84
N GLU B 379 6.63 -6.07 -30.37
CA GLU B 379 6.82 -6.47 -31.77
C GLU B 379 6.55 -5.29 -32.70
N THR B 380 5.48 -4.54 -32.43
CA THR B 380 5.16 -3.39 -33.27
C THR B 380 6.22 -2.30 -33.18
N ILE B 381 6.72 -2.04 -31.96
CA ILE B 381 7.77 -1.04 -31.78
C ILE B 381 9.02 -1.44 -32.55
N LYS B 382 9.39 -2.71 -32.48
CA LYS B 382 10.53 -3.17 -33.25
C LYS B 382 10.25 -3.10 -34.76
N SER B 383 9.02 -3.42 -35.16
CA SER B 383 8.67 -3.47 -36.58
C SER B 383 8.77 -2.10 -37.23
N PHE B 384 8.19 -1.07 -36.60
CA PHE B 384 8.40 0.28 -37.09
C PHE B 384 9.80 0.79 -36.84
N GLY B 385 10.61 0.08 -36.05
CA GLY B 385 12.00 0.43 -35.88
C GLY B 385 12.26 1.78 -35.24
N ALA B 386 11.53 2.10 -34.17
CA ALA B 386 11.70 3.38 -33.49
C ALA B 386 11.51 3.14 -32.00
N GLU B 387 12.63 2.98 -31.28
CA GLU B 387 12.60 2.79 -29.84
C GLU B 387 13.06 4.02 -29.07
N GLU B 388 13.76 4.95 -29.72
CA GLU B 388 14.22 6.15 -29.03
C GLU B 388 13.05 6.99 -28.54
N GLN B 389 11.99 7.07 -29.34
CA GLN B 389 10.80 7.83 -28.93
C GLN B 389 10.17 7.23 -27.69
N THR B 390 10.13 5.90 -27.61
CA THR B 390 9.61 5.24 -26.40
C THR B 390 10.47 5.56 -25.19
N GLU B 391 11.79 5.58 -25.36
CA GLU B 391 12.67 5.95 -24.26
C GLU B 391 12.43 7.37 -23.81
N LYS B 392 12.24 8.30 -24.75
CA LYS B 392 11.97 9.68 -24.37
C LYS B 392 10.64 9.82 -23.64
N SER B 393 9.61 9.12 -24.11
CA SER B 393 8.32 9.18 -23.43
C SER B 393 8.40 8.61 -22.03
N THR B 394 9.11 7.49 -21.87
CA THR B 394 9.28 6.90 -20.55
C THR B 394 10.10 7.81 -19.64
N ARG B 395 11.11 8.48 -20.20
CA ARG B 395 11.86 9.46 -19.42
C ARG B 395 10.95 10.56 -18.92
N ASP B 396 10.07 11.07 -19.78
CA ASP B 396 9.16 12.13 -19.35
C ASP B 396 8.23 11.66 -18.25
N LYS B 397 7.70 10.44 -18.39
CA LYS B 397 6.80 9.92 -17.35
C LYS B 397 7.53 9.70 -16.04
N ILE B 398 8.76 9.18 -16.10
CA ILE B 398 9.55 8.98 -14.88
C ILE B 398 9.87 10.32 -14.24
N GLU B 399 10.14 11.34 -15.05
CA GLU B 399 10.42 12.66 -14.49
C GLU B 399 9.19 13.24 -13.79
N THR B 400 8.00 13.02 -14.37
CA THR B 400 6.78 13.48 -13.70
C THR B 400 6.59 12.75 -12.36
N VAL B 401 6.80 11.44 -12.35
CA VAL B 401 6.69 10.69 -11.10
C VAL B 401 7.70 11.20 -10.07
N MET B 402 8.92 11.49 -10.52
CA MET B 402 9.93 12.02 -9.61
C MET B 402 9.54 13.39 -9.07
N LYS B 403 8.97 14.25 -9.91
CA LYS B 403 8.55 15.55 -9.40
C LYS B 403 7.50 15.41 -8.31
N SER B 404 6.54 14.51 -8.53
CA SER B 404 5.52 14.27 -7.50
C SER B 404 6.15 13.71 -6.23
N SER B 405 7.07 12.76 -6.36
CA SER B 405 7.71 12.19 -5.19
C SER B 405 8.56 13.21 -4.46
N PHE B 406 9.17 14.14 -5.19
CA PHE B 406 9.93 15.20 -4.56
C PHE B 406 9.01 16.14 -3.78
N LYS B 407 7.83 16.43 -4.31
CA LYS B 407 6.88 17.25 -3.56
C LYS B 407 6.47 16.56 -2.27
N GLU B 408 6.16 15.25 -2.33
CA GLU B 408 5.82 14.53 -1.11
C GLU B 408 7.01 14.51 -0.15
N GLY B 409 8.23 14.37 -0.69
CA GLY B 409 9.40 14.35 0.15
C GLY B 409 9.62 15.65 0.88
N MET B 410 9.44 16.79 0.20
CA MET B 410 9.49 18.07 0.89
C MET B 410 8.41 18.18 1.95
N LEU B 411 7.22 17.64 1.67
CA LEU B 411 6.17 17.68 2.70
C LEU B 411 6.62 16.94 3.96
N TYR B 412 7.11 15.72 3.80
CA TYR B 412 7.60 14.96 4.95
C TYR B 412 8.77 15.65 5.64
N ILE B 413 9.70 16.21 4.87
CA ILE B 413 10.88 16.82 5.48
C ILE B 413 10.50 18.08 6.26
N ASN B 414 9.60 18.90 5.71
CA ASN B 414 9.16 20.08 6.45
C ASN B 414 8.40 19.69 7.71
N LEU B 415 7.53 18.69 7.63
CA LEU B 415 6.82 18.24 8.84
C LEU B 415 7.80 17.72 9.88
N SER B 416 8.76 16.90 9.46
CA SER B 416 9.71 16.32 10.40
C SER B 416 10.57 17.40 11.03
N SER B 417 11.02 18.38 10.24
CA SER B 417 11.86 19.43 10.81
C SER B 417 11.07 20.33 11.77
N LEU B 418 9.82 20.64 11.44
CA LEU B 418 9.02 21.45 12.37
C LEU B 418 8.77 20.70 13.67
N THR B 419 8.44 19.41 13.57
CA THR B 419 8.22 18.61 14.78
C THR B 419 9.51 18.47 15.59
N GLY B 420 10.64 18.32 14.91
CA GLY B 420 11.91 18.24 15.60
C GLY B 420 12.27 19.54 16.31
N ILE B 421 12.02 20.68 15.66
CA ILE B 421 12.20 21.96 16.34
C ILE B 421 11.36 22.02 17.59
N VAL B 422 10.06 21.68 17.47
CA VAL B 422 9.19 21.74 18.63
C VAL B 422 9.71 20.86 19.75
N ALA B 423 10.02 19.60 19.45
CA ALA B 423 10.43 18.66 20.49
C ALA B 423 11.74 19.07 21.14
N GLY B 424 12.78 19.31 20.34
CA GLY B 424 14.08 19.61 20.92
C GLY B 424 14.11 20.94 21.63
N LEU B 425 13.55 21.99 21.03
CA LEU B 425 13.55 23.28 21.69
C LEU B 425 12.65 23.27 22.92
N GLY B 426 11.58 22.48 22.91
CA GLY B 426 10.79 22.33 24.12
C GLY B 426 11.54 21.63 25.23
N GLY B 427 12.34 20.62 24.87
CA GLY B 427 13.19 19.99 25.87
C GLY B 427 14.18 20.96 26.46
N ILE B 428 14.79 21.80 25.62
CA ILE B 428 15.74 22.79 26.13
C ILE B 428 15.04 23.81 27.01
N VAL B 429 13.84 24.25 26.61
CA VAL B 429 13.10 25.19 27.44
C VAL B 429 12.73 24.57 28.78
N ILE B 430 12.35 23.29 28.77
CA ILE B 430 12.00 22.62 30.02
C ILE B 430 13.22 22.50 30.93
N LEU B 431 14.37 22.15 30.37
CA LEU B 431 15.59 22.11 31.18
C LEU B 431 15.92 23.49 31.74
N TRP B 432 15.78 24.54 30.93
CA TRP B 432 16.10 25.89 31.37
C TRP B 432 15.15 26.33 32.49
N ALA B 433 13.86 26.09 32.31
CA ALA B 433 12.88 26.48 33.34
C ALA B 433 13.05 25.67 34.61
N GLY B 434 13.32 24.37 34.48
CA GLY B 434 13.57 23.56 35.66
C GLY B 434 14.80 24.02 36.42
N ALA B 435 15.86 24.37 35.70
CA ALA B 435 17.05 24.89 36.36
C ALA B 435 16.75 26.21 37.05
N TYR B 436 15.98 27.08 36.40
CA TYR B 436 15.65 28.35 37.03
C TYR B 436 14.84 28.14 38.30
N ASN B 437 13.90 27.19 38.27
CA ASN B 437 13.11 26.91 39.46
C ASN B 437 13.96 26.30 40.57
N VAL B 438 14.89 25.41 40.20
CA VAL B 438 15.76 24.79 41.20
C VAL B 438 16.65 25.84 41.84
N ILE B 439 17.08 26.83 41.06
CA ILE B 439 17.90 27.91 41.60
C ILE B 439 17.15 28.65 42.69
N LYS B 440 15.85 28.87 42.50
CA LYS B 440 15.02 29.53 43.50
C LYS B 440 14.52 28.59 44.57
N GLY B 441 14.82 27.30 44.48
CA GLY B 441 14.45 26.36 45.52
C GLY B 441 13.06 25.80 45.44
N ASN B 442 12.31 26.12 44.38
CA ASN B 442 10.96 25.56 44.24
C ASN B 442 11.00 24.06 44.09
N MET B 443 11.96 23.54 43.34
CA MET B 443 12.13 22.11 43.13
C MET B 443 13.46 21.67 43.72
N SER B 444 13.78 20.40 43.50
CA SER B 444 15.06 19.84 43.91
C SER B 444 15.85 19.43 42.66
N GLY B 445 17.08 19.00 42.87
CA GLY B 445 17.92 18.62 41.75
C GLY B 445 17.35 17.45 40.97
N GLY B 446 16.95 16.40 41.69
CA GLY B 446 16.45 15.20 41.03
C GLY B 446 15.02 15.29 40.56
N GLN B 447 14.23 16.20 41.14
CA GLN B 447 12.85 16.35 40.71
C GLN B 447 12.77 16.78 39.25
N LEU B 448 13.76 17.54 38.78
CA LEU B 448 13.78 17.92 37.37
C LEU B 448 13.90 16.70 36.46
N LEU B 449 14.77 15.75 36.82
CA LEU B 449 14.93 14.56 35.97
C LEU B 449 13.75 13.61 36.12
N ALA B 450 13.17 13.51 37.32
CA ALA B 450 11.93 12.77 37.46
C ALA B 450 10.85 13.37 36.57
N PHE B 451 10.78 14.70 36.53
CA PHE B 451 9.83 15.36 35.64
C PHE B 451 10.15 15.08 34.18
N ASN B 452 11.44 14.98 33.81
CA ASN B 452 11.78 14.65 32.44
C ASN B 452 11.26 13.26 32.06
N ALA B 453 11.47 12.28 32.95
CA ALA B 453 11.00 10.93 32.67
C ALA B 453 9.47 10.87 32.58
N LEU B 454 8.78 11.50 33.54
CA LEU B 454 7.33 11.55 33.49
C LEU B 454 6.83 12.32 32.28
N LEU B 455 7.57 13.35 31.86
CA LEU B 455 7.22 14.10 30.67
C LEU B 455 7.27 13.22 29.44
N ALA B 456 8.31 12.39 29.33
CA ALA B 456 8.37 11.45 28.22
C ALA B 456 7.19 10.50 28.26
N TYR B 457 6.89 9.97 29.46
CA TYR B 457 5.83 8.98 29.58
C TYR B 457 4.44 9.60 29.42
N PHE B 458 4.33 10.93 29.50
CA PHE B 458 3.08 11.65 29.27
C PHE B 458 2.92 12.16 27.84
N LEU B 459 4.02 12.55 27.21
CA LEU B 459 3.97 13.01 25.83
C LEU B 459 3.84 11.84 24.85
N THR B 460 4.41 10.68 25.18
CA THR B 460 4.27 9.54 24.27
C THR B 460 2.82 9.16 24.01
N PRO B 461 1.93 9.05 25.01
CA PRO B 461 0.54 8.70 24.69
C PRO B 461 -0.16 9.74 23.84
N VAL B 462 -0.11 11.01 24.23
CA VAL B 462 -0.81 12.05 23.47
C VAL B 462 -0.21 12.18 22.07
N LYS B 463 1.09 11.95 21.92
CA LYS B 463 1.67 11.87 20.59
C LYS B 463 1.07 10.70 19.81
N ASN B 464 0.89 9.56 20.47
CA ASN B 464 0.27 8.42 19.81
C ASN B 464 -1.20 8.69 19.50
N LEU B 465 -1.92 9.33 20.41
CA LEU B 465 -3.34 9.59 20.21
C LEU B 465 -3.58 10.57 19.07
N ILE B 466 -2.75 11.62 18.98
CA ILE B 466 -2.92 12.59 17.90
C ILE B 466 -2.54 11.98 16.56
N ASP B 467 -1.51 11.11 16.55
CA ASP B 467 -1.14 10.39 15.34
C ASP B 467 -2.19 9.39 14.89
N LEU B 468 -3.19 9.12 15.72
CA LEU B 468 -4.30 8.24 15.37
C LEU B 468 -5.35 8.95 14.52
N GLN B 469 -5.25 10.26 14.34
CA GLN B 469 -6.24 10.99 13.56
C GLN B 469 -6.38 10.49 12.13
N PRO B 470 -5.31 10.30 11.35
CA PRO B 470 -5.52 9.88 9.96
C PRO B 470 -5.97 8.44 9.83
N LEU B 471 -5.37 7.52 10.59
CA LEU B 471 -5.67 6.10 10.41
C LEU B 471 -7.16 5.82 10.54
N ILE B 472 -7.76 6.26 11.65
CA ILE B 472 -9.20 6.07 11.84
C ILE B 472 -9.95 6.49 10.59
N GLN B 473 -9.59 7.67 10.06
CA GLN B 473 -10.29 8.19 8.89
C GLN B 473 -10.30 7.18 7.75
N THR B 474 -9.12 6.68 7.37
CA THR B 474 -9.10 5.76 6.23
C THR B 474 -9.89 4.50 6.56
N ALA B 475 -9.81 4.05 7.82
CA ALA B 475 -10.55 2.86 8.19
C ALA B 475 -12.05 3.10 8.11
N VAL B 476 -12.50 4.31 8.45
CA VAL B 476 -13.91 4.64 8.27
C VAL B 476 -14.31 4.42 6.82
N VAL B 477 -13.46 4.89 5.89
CA VAL B 477 -13.73 4.67 4.47
C VAL B 477 -13.85 3.17 4.20
N ALA B 478 -12.93 2.39 4.76
CA ALA B 478 -12.98 0.95 4.56
C ALA B 478 -14.31 0.38 4.99
N SER B 479 -14.87 0.87 6.10
CA SER B 479 -16.19 0.42 6.52
C SER B 479 -17.21 0.67 5.43
N ASN B 480 -17.28 1.91 4.95
CA ASN B 480 -18.23 2.24 3.89
C ASN B 480 -17.91 1.52 2.60
N ARG B 481 -16.72 0.93 2.47
CA ARG B 481 -16.41 0.13 1.30
C ARG B 481 -16.83 -1.32 1.48
N LEU B 482 -16.87 -1.82 2.72
CA LEU B 482 -17.16 -3.23 2.97
C LEU B 482 -18.62 -3.44 3.34
N GLY B 483 -19.06 -2.81 4.44
CA GLY B 483 -20.37 -3.09 4.97
C GLY B 483 -21.52 -2.63 4.09
N GLU B 484 -21.25 -1.73 3.13
CA GLU B 484 -22.30 -1.37 2.20
C GLU B 484 -22.76 -2.59 1.41
N ILE B 485 -21.88 -3.56 1.21
CA ILE B 485 -22.27 -4.81 0.57
C ILE B 485 -23.21 -5.59 1.47
N LEU B 486 -22.97 -5.55 2.79
CA LEU B 486 -23.75 -6.36 3.71
C LEU B 486 -25.22 -5.96 3.75
N GLU B 487 -25.54 -4.71 3.42
CA GLU B 487 -26.93 -4.30 3.38
C GLU B 487 -27.69 -4.86 2.17
N LEU B 488 -26.97 -5.39 1.18
CA LEU B 488 -27.64 -5.90 -0.02
C LEU B 488 -28.39 -7.19 0.29
N ALA B 489 -29.63 -7.25 -0.18
CA ALA B 489 -30.46 -8.42 0.07
C ALA B 489 -29.90 -9.63 -0.67
N THR B 490 -29.96 -10.79 -0.02
CA THR B 490 -29.40 -12.00 -0.58
C THR B 490 -30.37 -12.61 -1.60
N GLU B 491 -29.95 -13.73 -2.19
CA GLU B 491 -30.73 -14.36 -3.25
C GLU B 491 -32.07 -14.85 -2.74
N LYS B 492 -32.09 -15.46 -1.55
CA LYS B 492 -33.32 -16.06 -1.05
C LYS B 492 -34.32 -15.01 -0.57
N GLU B 493 -33.83 -13.87 -0.09
CA GLU B 493 -34.73 -12.84 0.42
C GLU B 493 -35.62 -12.30 -0.68
N LEU B 494 -35.07 -12.09 -1.87
CA LEU B 494 -35.86 -11.59 -3.00
C LEU B 494 -36.53 -12.72 -3.76
N ARG B 495 -37.26 -13.57 -3.02
CA ARG B 495 -37.96 -14.71 -3.61
C ARG B 495 -39.27 -14.92 -2.88
N GLU B 496 -40.20 -15.60 -3.54
CA GLU B 496 -41.50 -15.90 -2.96
C GLU B 496 -41.92 -17.32 -3.29
N ASP B 515 -38.59 -10.75 -23.51
CA ASP B 515 -37.19 -10.34 -23.64
C ASP B 515 -36.55 -10.08 -22.28
N PHE B 516 -35.27 -9.71 -22.29
CA PHE B 516 -34.52 -9.57 -21.05
C PHE B 516 -33.44 -8.53 -21.24
N ARG B 517 -33.01 -7.91 -20.13
CA ARG B 517 -32.04 -6.83 -20.14
C ARG B 517 -30.96 -7.11 -19.12
N TYR B 518 -29.70 -6.86 -19.50
CA TYR B 518 -28.61 -6.94 -18.53
C TYR B 518 -28.39 -5.59 -17.84
N GLY B 519 -29.48 -4.95 -17.45
CA GLY B 519 -29.40 -3.74 -16.64
C GLY B 519 -29.30 -2.49 -17.48
N LEU B 520 -30.42 -1.79 -17.67
CA LEU B 520 -30.47 -0.54 -18.42
C LEU B 520 -29.58 -0.58 -19.66
N ARG B 521 -29.70 -1.67 -20.43
CA ARG B 521 -28.74 -1.98 -21.48
C ARG B 521 -29.44 -2.39 -22.77
N LYS B 522 -30.49 -1.64 -23.13
CA LYS B 522 -31.23 -1.92 -24.36
C LYS B 522 -31.62 -3.39 -24.53
N PRO B 523 -32.88 -3.70 -24.19
CA PRO B 523 -33.34 -5.08 -24.30
C PRO B 523 -32.62 -5.85 -25.40
N SER B 546 -24.60 -13.80 -28.18
CA SER B 546 -24.66 -14.60 -26.97
C SER B 546 -26.08 -14.71 -26.44
N GLY B 547 -27.05 -14.48 -27.32
CA GLY B 547 -28.45 -14.56 -26.91
C GLY B 547 -28.86 -15.95 -26.47
N LYS B 548 -28.26 -16.99 -27.05
CA LYS B 548 -28.56 -18.35 -26.64
C LYS B 548 -28.17 -18.58 -25.19
N THR B 549 -27.03 -18.05 -24.76
CA THR B 549 -26.57 -18.24 -23.39
C THR B 549 -27.53 -17.60 -22.39
N THR B 550 -28.05 -16.43 -22.72
CA THR B 550 -28.96 -15.73 -21.80
C THR B 550 -30.21 -16.56 -21.54
N LEU B 551 -30.73 -17.23 -22.58
CA LEU B 551 -31.87 -18.12 -22.37
C LEU B 551 -31.50 -19.25 -21.42
N ALA B 552 -30.28 -19.77 -21.53
CA ALA B 552 -29.84 -20.82 -20.62
C ALA B 552 -29.78 -20.31 -19.17
N LYS B 553 -29.17 -19.15 -18.96
CA LYS B 553 -29.10 -18.59 -17.62
C LYS B 553 -30.47 -18.22 -17.10
N LEU B 554 -31.37 -17.76 -17.98
CA LEU B 554 -32.73 -17.45 -17.58
C LEU B 554 -33.51 -18.70 -17.17
N LEU B 555 -33.09 -19.88 -17.62
CA LEU B 555 -33.83 -21.09 -17.28
C LEU B 555 -33.78 -21.34 -15.77
N MET B 556 -32.63 -21.17 -15.15
CA MET B 556 -32.57 -21.08 -13.71
C MET B 556 -33.00 -19.70 -13.25
N ASN B 557 -33.21 -19.56 -11.95
CA ASN B 557 -33.55 -18.24 -11.42
C ASN B 557 -32.28 -17.42 -11.20
N PHE B 558 -31.44 -17.34 -12.23
CA PHE B 558 -30.28 -16.46 -12.18
C PHE B 558 -30.69 -15.01 -12.30
N TYR B 559 -31.73 -14.72 -13.07
CA TYR B 559 -32.22 -13.37 -13.28
C TYR B 559 -33.74 -13.40 -13.31
N SER B 560 -34.35 -12.28 -13.69
CA SER B 560 -35.79 -12.17 -13.78
C SER B 560 -36.20 -11.80 -15.20
N PRO B 561 -37.21 -12.47 -15.75
CA PRO B 561 -37.58 -12.25 -17.15
C PRO B 561 -38.70 -11.21 -17.29
N GLU B 562 -38.97 -10.87 -18.55
CA GLU B 562 -40.14 -10.09 -18.93
C GLU B 562 -41.09 -10.84 -19.84
N LYS B 563 -40.59 -11.82 -20.59
CA LYS B 563 -41.45 -12.70 -21.40
C LYS B 563 -40.72 -14.04 -21.50
N GLY B 564 -41.19 -15.03 -20.75
CA GLY B 564 -40.53 -16.31 -20.74
C GLY B 564 -41.32 -17.33 -19.96
N ASP B 565 -40.63 -18.40 -19.55
CA ASP B 565 -41.22 -19.52 -18.83
C ASP B 565 -42.36 -20.16 -19.64
N ILE B 566 -41.98 -20.67 -20.81
CA ILE B 566 -42.95 -21.24 -21.74
C ILE B 566 -42.51 -22.64 -22.18
N LEU B 567 -41.70 -23.30 -21.37
CA LEU B 567 -41.19 -24.62 -21.75
C LEU B 567 -41.42 -25.66 -20.67
N ILE B 568 -41.49 -25.22 -19.41
CA ILE B 568 -41.66 -26.16 -18.30
C ILE B 568 -43.03 -26.81 -18.38
N ASN B 569 -43.11 -28.06 -17.90
CA ASN B 569 -44.37 -28.80 -17.92
C ASN B 569 -45.27 -28.47 -16.74
N GLY B 570 -44.80 -27.66 -15.79
CA GLY B 570 -45.60 -27.32 -14.64
C GLY B 570 -46.22 -25.94 -14.71
N HIS B 571 -45.71 -25.01 -13.91
CA HIS B 571 -46.26 -23.67 -13.84
C HIS B 571 -45.11 -22.69 -13.72
N SER B 572 -45.41 -21.46 -13.30
CA SER B 572 -44.40 -20.42 -13.21
C SER B 572 -43.26 -20.83 -12.29
N ILE B 573 -42.03 -20.53 -12.72
CA ILE B 573 -40.85 -20.92 -11.96
C ILE B 573 -40.76 -20.13 -10.66
N LYS B 574 -41.12 -18.85 -10.70
CA LYS B 574 -40.92 -17.97 -9.55
C LYS B 574 -41.78 -18.34 -8.34
N ASN B 575 -42.78 -19.20 -8.51
CA ASN B 575 -43.71 -19.52 -7.44
C ASN B 575 -43.30 -20.76 -6.65
N ILE B 576 -42.15 -21.35 -6.94
CA ILE B 576 -41.68 -22.54 -6.26
C ILE B 576 -40.27 -22.31 -5.75
N SER B 577 -39.81 -23.22 -4.89
CA SER B 577 -38.58 -23.02 -4.14
C SER B 577 -37.37 -22.96 -5.07
N LEU B 578 -36.42 -22.09 -4.71
CA LEU B 578 -35.19 -21.96 -5.49
C LEU B 578 -34.34 -23.21 -5.39
N GLU B 579 -34.31 -23.85 -4.22
CA GLU B 579 -33.47 -25.02 -4.03
C GLU B 579 -33.88 -26.15 -4.96
N LEU B 580 -35.19 -26.32 -5.19
CA LEU B 580 -35.65 -27.36 -6.10
C LEU B 580 -35.15 -27.12 -7.51
N ILE B 581 -35.21 -25.87 -7.98
CA ILE B 581 -34.67 -25.55 -9.30
C ILE B 581 -33.17 -25.80 -9.34
N ARG B 582 -32.48 -25.51 -8.22
CA ARG B 582 -31.04 -25.72 -8.17
C ARG B 582 -30.69 -27.20 -8.30
N LYS B 583 -31.44 -28.08 -7.63
CA LYS B 583 -31.13 -29.50 -7.74
C LYS B 583 -31.75 -30.14 -8.99
N LYS B 584 -32.65 -29.45 -9.68
CA LYS B 584 -33.34 -30.02 -10.82
C LYS B 584 -32.72 -29.66 -12.17
N ILE B 585 -31.96 -28.57 -12.24
CA ILE B 585 -31.42 -28.07 -13.50
C ILE B 585 -29.89 -28.19 -13.44
N ALA B 586 -29.31 -28.78 -14.47
CA ALA B 586 -27.87 -28.89 -14.60
C ALA B 586 -27.45 -28.36 -15.97
N PHE B 587 -26.36 -27.58 -15.99
CA PHE B 587 -25.86 -27.05 -17.25
C PHE B 587 -24.36 -26.87 -17.14
N VAL B 588 -23.71 -26.82 -18.31
CA VAL B 588 -22.26 -26.69 -18.42
C VAL B 588 -21.96 -25.31 -18.98
N SER B 589 -21.14 -24.54 -18.26
CA SER B 589 -20.81 -23.19 -18.68
C SER B 589 -19.80 -23.22 -19.83
N GLN B 590 -19.45 -22.04 -20.32
CA GLN B 590 -18.46 -21.94 -21.39
C GLN B 590 -17.11 -22.45 -20.91
N ASP B 591 -16.71 -22.08 -19.71
CA ASP B 591 -15.45 -22.54 -19.12
C ASP B 591 -15.72 -23.68 -18.15
N VAL B 592 -14.67 -24.18 -17.53
CA VAL B 592 -14.74 -25.27 -16.57
C VAL B 592 -14.23 -24.77 -15.23
N PHE B 593 -15.02 -24.98 -14.18
CA PHE B 593 -14.66 -24.58 -12.84
C PHE B 593 -14.21 -25.80 -12.05
N ILE B 594 -12.95 -25.80 -11.60
CA ILE B 594 -12.43 -26.83 -10.71
C ILE B 594 -11.83 -26.12 -9.51
N PHE B 595 -12.31 -26.46 -8.32
CA PHE B 595 -11.89 -25.81 -7.09
C PHE B 595 -10.82 -26.65 -6.40
N SER B 596 -10.25 -26.08 -5.33
CA SER B 596 -9.20 -26.74 -4.58
C SER B 596 -9.71 -28.04 -3.98
N GLY B 597 -9.23 -29.16 -4.50
CA GLY B 597 -9.69 -30.46 -4.05
C GLY B 597 -9.39 -31.51 -5.08
N THR B 598 -9.39 -32.76 -4.63
CA THR B 598 -9.02 -33.86 -5.51
C THR B 598 -10.16 -34.18 -6.48
N VAL B 599 -9.83 -34.96 -7.51
CA VAL B 599 -10.79 -35.27 -8.56
C VAL B 599 -11.95 -36.10 -8.02
N LYS B 600 -11.65 -37.03 -7.10
CA LYS B 600 -12.69 -37.89 -6.55
C LYS B 600 -13.79 -37.10 -5.85
N GLU B 601 -13.50 -35.88 -5.41
CA GLU B 601 -14.50 -35.03 -4.76
C GLU B 601 -14.95 -33.85 -5.61
N ASN B 602 -14.23 -33.52 -6.69
CA ASN B 602 -14.71 -32.49 -7.61
C ASN B 602 -16.01 -32.92 -8.26
N LEU B 603 -16.11 -34.18 -8.68
CA LEU B 603 -17.37 -34.70 -9.19
C LEU B 603 -18.43 -34.76 -8.09
N CYS B 604 -18.01 -34.96 -6.86
CA CYS B 604 -18.89 -35.01 -5.70
C CYS B 604 -19.27 -33.62 -5.19
N LEU B 605 -19.01 -32.57 -5.98
CA LEU B 605 -19.30 -31.22 -5.55
C LEU B 605 -20.80 -31.03 -5.33
N GLY B 606 -21.15 -30.30 -4.28
CA GLY B 606 -22.52 -29.95 -3.97
C GLY B 606 -23.27 -30.91 -3.07
N ASN B 607 -23.12 -32.20 -3.29
CA ASN B 607 -23.82 -33.22 -2.52
C ASN B 607 -22.84 -34.10 -1.79
N GLU B 608 -23.24 -34.62 -0.64
CA GLU B 608 -22.40 -35.48 0.18
C GLU B 608 -22.80 -36.95 0.10
N ASN B 609 -23.79 -37.29 -0.71
CA ASN B 609 -24.26 -38.66 -0.86
C ASN B 609 -24.02 -39.09 -2.30
N VAL B 610 -23.01 -39.94 -2.51
CA VAL B 610 -22.69 -40.43 -3.84
C VAL B 610 -22.61 -41.95 -3.92
N ASP B 611 -22.42 -42.65 -2.80
CA ASP B 611 -22.44 -44.11 -2.74
C ASP B 611 -21.23 -44.71 -3.45
N MET B 612 -20.42 -43.85 -4.06
CA MET B 612 -19.17 -44.25 -4.73
C MET B 612 -19.44 -45.27 -5.83
N ASP B 613 -20.62 -45.21 -6.43
CA ASP B 613 -20.96 -46.07 -7.57
C ASP B 613 -21.53 -45.22 -8.70
N GLU B 614 -22.20 -44.12 -8.36
CA GLU B 614 -22.70 -43.22 -9.38
C GLU B 614 -21.56 -42.54 -10.14
N ILE B 615 -20.43 -42.29 -9.46
CA ILE B 615 -19.28 -41.68 -10.13
C ILE B 615 -18.77 -42.61 -11.23
N ILE B 616 -18.61 -43.90 -10.91
CA ILE B 616 -18.12 -44.83 -11.91
C ILE B 616 -19.17 -45.11 -12.97
N LYS B 617 -20.46 -45.02 -12.60
CA LYS B 617 -21.52 -45.16 -13.60
C LYS B 617 -21.46 -44.03 -14.61
N ALA B 618 -21.27 -42.79 -14.14
CA ALA B 618 -21.17 -41.65 -15.04
C ALA B 618 -19.82 -41.61 -15.74
N ALA B 619 -18.81 -42.32 -15.21
CA ALA B 619 -17.50 -42.36 -15.84
C ALA B 619 -17.49 -43.14 -17.14
N LYS B 620 -18.56 -43.86 -17.45
CA LYS B 620 -18.62 -44.61 -18.70
C LYS B 620 -18.67 -43.72 -19.93
N MET B 621 -18.90 -42.42 -19.76
CA MET B 621 -19.03 -41.47 -20.86
C MET B 621 -17.89 -40.46 -20.78
N ALA B 622 -16.74 -40.84 -21.36
CA ALA B 622 -15.60 -39.93 -21.56
C ALA B 622 -15.13 -39.33 -20.22
N ASN B 623 -14.63 -40.22 -19.37
CA ASN B 623 -14.07 -39.78 -18.09
C ASN B 623 -12.62 -39.37 -18.26
N ALA B 624 -12.35 -38.50 -19.23
CA ALA B 624 -10.98 -38.16 -19.63
C ALA B 624 -10.15 -39.42 -19.84
N HIS B 625 -10.73 -40.38 -20.57
CA HIS B 625 -10.23 -41.74 -20.73
C HIS B 625 -9.71 -42.29 -19.39
N ASP B 626 -10.62 -42.35 -18.42
CA ASP B 626 -10.33 -42.82 -17.07
C ASP B 626 -9.23 -41.99 -16.40
N PHE B 627 -9.08 -40.74 -16.85
CA PHE B 627 -8.04 -39.82 -16.39
C PHE B 627 -6.70 -40.51 -16.16
N ILE B 628 -6.35 -41.43 -17.07
CA ILE B 628 -5.06 -42.10 -17.13
C ILE B 628 -4.71 -42.83 -15.84
N GLU B 629 -4.63 -42.10 -14.73
CA GLU B 629 -4.15 -42.65 -13.46
C GLU B 629 -5.32 -42.78 -12.51
N LYS B 630 -5.56 -44.01 -12.03
CA LYS B 630 -6.66 -44.24 -11.08
C LYS B 630 -6.48 -43.42 -9.81
N LEU B 631 -5.24 -43.18 -9.41
CA LEU B 631 -4.97 -42.38 -8.22
C LEU B 631 -5.50 -40.97 -8.43
N PRO B 632 -6.39 -40.48 -7.56
CA PRO B 632 -6.95 -39.13 -7.78
C PRO B 632 -5.88 -38.06 -7.69
N LEU B 633 -6.02 -37.04 -8.52
CA LEU B 633 -5.02 -35.99 -8.67
C LEU B 633 -5.33 -34.85 -7.70
N LYS B 634 -4.66 -33.72 -7.90
CA LYS B 634 -4.87 -32.50 -7.12
C LYS B 634 -4.65 -32.74 -5.62
N LYS B 651 -10.64 -31.12 -19.23
CA LYS B 651 -11.39 -30.50 -18.14
C LYS B 651 -12.87 -30.46 -18.44
N GLN B 652 -13.22 -30.34 -19.73
CA GLN B 652 -14.63 -30.34 -20.12
C GLN B 652 -15.28 -31.68 -19.81
N ARG B 653 -14.53 -32.77 -19.96
CA ARG B 653 -15.07 -34.09 -19.64
C ARG B 653 -15.43 -34.19 -18.16
N LEU B 654 -14.63 -33.57 -17.28
CA LEU B 654 -14.96 -33.54 -15.87
C LEU B 654 -16.27 -32.78 -15.63
N ALA B 655 -16.46 -31.65 -16.34
CA ALA B 655 -17.70 -30.90 -16.20
C ALA B 655 -18.90 -31.71 -16.65
N ILE B 656 -18.76 -32.44 -17.77
CA ILE B 656 -19.85 -33.28 -18.25
C ILE B 656 -20.15 -34.39 -17.25
N ALA B 657 -19.12 -35.01 -16.70
CA ALA B 657 -19.33 -36.05 -15.71
C ALA B 657 -20.04 -35.51 -14.48
N ARG B 658 -19.64 -34.30 -14.03
CA ARG B 658 -20.33 -33.67 -12.92
C ARG B 658 -21.79 -33.40 -13.25
N ALA B 659 -22.07 -32.93 -14.46
CA ALA B 659 -23.43 -32.61 -14.84
C ALA B 659 -24.31 -33.85 -14.83
N LEU B 660 -23.84 -34.95 -15.44
CA LEU B 660 -24.64 -36.17 -15.45
C LEU B 660 -24.76 -36.80 -14.07
N LEU B 661 -23.69 -36.73 -13.27
CA LEU B 661 -23.74 -37.29 -11.92
C LEU B 661 -24.74 -36.53 -11.05
N LYS B 662 -25.01 -35.27 -11.39
CA LYS B 662 -25.95 -34.48 -10.61
C LYS B 662 -27.37 -35.02 -10.68
N LYS B 663 -27.66 -35.88 -11.67
CA LYS B 663 -28.98 -36.49 -11.87
C LYS B 663 -30.05 -35.42 -12.02
N PRO B 664 -30.05 -34.68 -13.13
CA PRO B 664 -31.03 -33.61 -13.31
C PRO B 664 -32.27 -34.07 -14.05
N ASP B 665 -33.40 -33.45 -13.68
CA ASP B 665 -34.64 -33.66 -14.43
C ASP B 665 -34.49 -33.10 -15.84
N ILE B 666 -33.88 -31.94 -15.97
CA ILE B 666 -33.63 -31.29 -17.26
C ILE B 666 -32.14 -31.05 -17.41
N LEU B 667 -31.57 -31.50 -18.53
CA LEU B 667 -30.16 -31.33 -18.80
C LEU B 667 -30.00 -30.52 -20.07
N ILE B 668 -29.21 -29.44 -19.98
CA ILE B 668 -28.90 -28.59 -21.13
C ILE B 668 -27.39 -28.40 -21.20
N LEU B 669 -26.86 -28.36 -22.41
CA LEU B 669 -25.42 -28.29 -22.64
C LEU B 669 -25.16 -27.28 -23.75
N ASP B 670 -23.96 -26.71 -23.74
CA ASP B 670 -23.53 -25.79 -24.79
C ASP B 670 -23.44 -26.50 -26.13
#